data_7RLW
#
_entry.id   7RLW
#
_cell.length_a   92.911
_cell.length_b   60.396
_cell.length_c   158.300
_cell.angle_alpha   90.000
_cell.angle_beta   101.457
_cell.angle_gamma   90.000
#
_symmetry.space_group_name_H-M   'C 1 2 1'
#
loop_
_entity.id
_entity.type
_entity.pdbx_description
1 polymer 'PvCSPvk210 peptide from Circumsporozoite protein'
2 polymer '2F2 Fab light chain'
3 polymer '2F2 Fab heavy chain'
4 water water
#
loop_
_entity_poly.entity_id
_entity_poly.type
_entity_poly.pdbx_seq_one_letter_code
_entity_poly.pdbx_strand_id
1 'polypeptide(L)' GDRAAGQPAGDRAAGQPA P,R
2 'polypeptide(L)'
;NSDIVMTQTPLSLSVTIGQPASISCKSSQSLLHSNGKTYLNWLQQRPGQAPKILMYLVSKLDPGIPDRFSGSGSETDFTL
KISRVEAEDLGVYYCLQGTYYPFTFGSGTKLEIKRTVAAPSVFIFPPSDEQLKSGTASVVCLLNNFYPREAKVQWKVDNA
LQSGNSQESVTEQDSKDSTYSLSSTLTLSKADYEKHKVYACEVTHQGLSSPVTKSFNRGEC
;
B,D
3 'polypeptide(L)'
;NSQLQQSGPELVKPGASVKISCKASGYSFTGYYMHWVKQSHVKSLEWIGRIDPYDGATSYNQNFKDKASLTVDKSSTTGF
MELHSLTSEDSAVYYCAREGHWDGDWYFDVWGAGTTVTVSSASTKGPSVFPLAPSSKSTSGGTAALGCLVKDYFPEPVTV
SWNSGALTSGVHTFPAVLQSSGLYSLSSVVTVPSSSLGTQTYICNVNHKPSNTKVDKKVEPKSC
;
A,C
#
# COMPACT_ATOMS: atom_id res chain seq x y z
N GLY A 1 -4.05 1.69 -7.81
CA GLY A 1 -3.25 1.82 -9.01
C GLY A 1 -2.36 0.63 -9.27
N ASP A 2 -2.91 -0.37 -9.97
CA ASP A 2 -2.15 -1.57 -10.28
C ASP A 2 -0.92 -1.24 -11.14
N ARG A 3 -1.13 -0.49 -12.21
CA ARG A 3 -0.02 -0.06 -13.05
C ARG A 3 0.73 1.09 -12.39
N ALA A 4 2.04 1.13 -12.60
CA ALA A 4 2.86 2.16 -11.98
C ALA A 4 2.68 3.49 -12.68
N ALA A 5 2.67 4.56 -11.89
CA ALA A 5 2.65 5.93 -12.39
C ALA A 5 3.75 6.71 -11.67
N GLY A 6 4.00 7.93 -12.16
CA GLY A 6 5.04 8.73 -11.53
C GLY A 6 5.04 10.15 -12.08
N GLN A 7 5.99 10.92 -11.57
CA GLN A 7 6.12 12.31 -11.98
C GLN A 7 6.51 12.40 -13.46
N PRO A 8 6.07 13.45 -14.15
CA PRO A 8 6.27 13.51 -15.61
C PRO A 8 7.74 13.55 -16.04
N ALA A 9 8.67 13.77 -15.13
CA ALA A 9 10.09 13.76 -15.51
C ALA A 9 10.60 12.35 -15.77
N GLY A 10 9.87 11.31 -15.36
CA GLY A 10 10.34 9.96 -15.60
C GLY A 10 10.29 9.57 -17.06
N ASP A 11 9.17 9.84 -17.71
CA ASP A 11 8.98 9.52 -19.12
C ASP A 11 8.93 10.79 -19.94
N ARG A 12 9.28 10.66 -21.22
CA ARG A 12 9.35 11.79 -22.12
C ARG A 12 7.98 12.25 -22.58
N ASP B 3 18.53 20.21 -19.99
CA ASP B 3 17.71 19.94 -18.80
C ASP B 3 17.64 21.17 -17.89
N ILE B 4 16.67 21.16 -16.97
CA ILE B 4 16.49 22.28 -16.07
C ILE B 4 17.63 22.33 -15.07
N VAL B 5 18.17 23.53 -14.83
CA VAL B 5 19.28 23.74 -13.92
C VAL B 5 18.75 24.28 -12.61
N MET B 6 19.06 23.59 -11.51
CA MET B 6 18.64 23.99 -10.17
C MET B 6 19.81 24.64 -9.44
N THR B 7 19.58 25.83 -8.88
CA THR B 7 20.58 26.57 -8.14
C THR B 7 20.11 26.71 -6.70
N GLN B 8 20.93 26.23 -5.76
CA GLN B 8 20.60 26.27 -4.33
C GLN B 8 21.49 27.28 -3.62
N THR B 9 20.86 28.19 -2.87
CA THR B 9 21.56 29.16 -2.06
C THR B 9 21.00 29.11 -0.64
N PRO B 10 21.86 29.13 0.38
CA PRO B 10 23.33 29.17 0.26
C PRO B 10 23.94 27.79 0.00
N LEU B 11 25.27 27.74 -0.13
CA LEU B 11 25.94 26.46 -0.31
C LEU B 11 26.11 25.74 1.02
N SER B 12 26.45 26.47 2.07
CA SER B 12 26.55 25.93 3.41
C SER B 12 25.79 26.85 4.37
N LEU B 13 25.27 26.26 5.44
CA LEU B 13 24.44 26.98 6.38
C LEU B 13 24.67 26.42 7.78
N SER B 14 24.73 27.31 8.77
CA SER B 14 24.95 26.92 10.15
C SER B 14 23.88 27.57 11.03
N VAL B 15 23.04 26.76 11.64
CA VAL B 15 21.89 27.22 12.41
C VAL B 15 21.96 26.65 13.82
N THR B 16 21.60 27.49 14.80
CA THR B 16 21.54 27.05 16.19
C THR B 16 20.28 26.24 16.44
N ILE B 17 20.34 25.35 17.44
CA ILE B 17 19.18 24.54 17.79
C ILE B 17 18.06 25.44 18.27
N GLY B 18 16.85 25.17 17.79
CA GLY B 18 15.69 25.96 18.14
C GLY B 18 15.47 27.20 17.32
N GLN B 19 16.46 27.60 16.49
CA GLN B 19 16.41 28.77 15.63
C GLN B 19 15.92 28.38 14.24
N PRO B 20 15.26 29.30 13.53
CA PRO B 20 14.74 28.98 12.20
C PRO B 20 15.86 28.87 11.16
N ALA B 21 15.56 28.14 10.09
CA ALA B 21 16.46 28.00 8.95
C ALA B 21 15.67 28.20 7.66
N SER B 22 16.40 28.48 6.58
CA SER B 22 15.79 28.73 5.29
C SER B 22 16.76 28.35 4.18
N ILE B 23 16.29 27.51 3.26
CA ILE B 23 17.06 27.10 2.09
C ILE B 23 16.30 27.50 0.83
N SER B 24 17.02 28.03 -0.15
CA SER B 24 16.43 28.50 -1.40
C SER B 24 16.85 27.60 -2.56
N CYS B 25 15.99 27.53 -3.56
CA CYS B 25 16.24 26.74 -4.77
C CYS B 25 15.56 27.45 -5.94
N LYS B 26 16.33 27.70 -7.00
CA LYS B 26 15.84 28.42 -8.17
C LYS B 26 16.02 27.58 -9.42
N SER B 27 14.98 27.53 -10.25
CA SER B 27 14.98 26.76 -11.48
C SER B 27 15.10 27.66 -12.69
N SER B 28 15.67 27.11 -13.77
CA SER B 28 15.86 27.90 -14.99
C SER B 28 14.55 28.19 -15.69
N GLN B 29 13.60 27.26 -15.64
CA GLN B 29 12.29 27.42 -16.25
C GLN B 29 11.21 27.22 -15.20
N SER B 30 10.00 27.69 -15.52
CA SER B 30 8.87 27.46 -14.63
C SER B 30 8.57 25.97 -14.53
N LEU B 31 8.49 25.47 -13.30
CA LEU B 31 8.25 24.06 -13.06
C LEU B 31 6.78 23.70 -13.07
N LEU B 32 5.90 24.63 -13.43
CA LEU B 32 4.49 24.33 -13.55
C LEU B 32 4.25 23.45 -14.78
N HIS B 33 3.52 22.37 -14.58
CA HIS B 33 3.24 21.42 -15.65
C HIS B 33 1.90 21.72 -16.30
N SER B 34 1.64 21.04 -17.42
CA SER B 34 0.38 21.25 -18.14
C SER B 34 -0.82 20.91 -17.28
N ASN B 35 -0.70 19.94 -16.37
CA ASN B 35 -1.80 19.55 -15.50
C ASN B 35 -1.97 20.47 -14.30
N GLY B 36 -1.13 21.49 -14.15
CA GLY B 36 -1.28 22.46 -13.10
C GLY B 36 -0.49 22.17 -11.83
N LYS B 37 0.22 21.05 -11.76
CA LYS B 37 1.00 20.69 -10.59
C LYS B 37 2.44 21.12 -10.77
N THR B 38 3.06 21.60 -9.68
CA THR B 38 4.45 21.99 -9.68
C THR B 38 5.25 20.90 -8.96
N TYR B 39 5.93 20.06 -9.74
CA TYR B 39 6.64 18.90 -9.21
C TYR B 39 8.03 19.32 -8.72
N LEU B 40 8.06 19.81 -7.49
CA LEU B 40 9.32 20.11 -6.81
C LEU B 40 9.41 19.25 -5.56
N ASN B 41 10.58 18.65 -5.34
CA ASN B 41 10.80 17.75 -4.21
C ASN B 41 12.03 18.20 -3.44
N TRP B 42 11.97 18.07 -2.12
CA TRP B 42 13.08 18.38 -1.24
C TRP B 42 13.60 17.09 -0.61
N LEU B 43 14.91 16.88 -0.69
CA LEU B 43 15.56 15.70 -0.15
C LEU B 43 16.50 16.09 1.00
N GLN B 44 16.66 15.16 1.93
CA GLN B 44 17.63 15.31 3.01
C GLN B 44 18.47 14.04 3.08
N GLN B 45 19.79 14.20 3.09
CA GLN B 45 20.71 13.07 3.18
C GLN B 45 21.62 13.28 4.38
N ARG B 46 21.33 12.58 5.47
CA ARG B 46 22.22 12.58 6.61
C ARG B 46 23.50 11.82 6.25
N PRO B 47 24.64 12.20 6.86
CA PRO B 47 25.90 11.53 6.53
C PRO B 47 25.82 10.04 6.82
N GLY B 48 26.30 9.25 5.86
CA GLY B 48 26.28 7.81 5.99
C GLY B 48 24.94 7.15 5.71
N GLN B 49 23.98 7.90 5.15
CA GLN B 49 22.66 7.36 4.84
C GLN B 49 22.28 7.74 3.42
N ALA B 50 21.23 7.11 2.93
CA ALA B 50 20.68 7.40 1.62
C ALA B 50 19.79 8.64 1.67
N PRO B 51 19.58 9.30 0.54
CA PRO B 51 18.66 10.44 0.52
C PRO B 51 17.26 10.03 0.93
N LYS B 52 16.52 10.99 1.49
CA LYS B 52 15.13 10.79 1.89
C LYS B 52 14.34 12.03 1.54
N ILE B 53 13.20 11.84 0.89
CA ILE B 53 12.37 12.96 0.45
C ILE B 53 11.64 13.53 1.66
N LEU B 54 11.79 14.84 1.88
CA LEU B 54 11.08 15.53 2.95
C LEU B 54 9.73 16.04 2.47
N MET B 55 9.70 16.73 1.33
CA MET B 55 8.48 17.33 0.81
C MET B 55 8.35 17.03 -0.67
N TYR B 56 7.10 16.97 -1.13
CA TYR B 56 6.78 16.80 -2.53
C TYR B 56 5.69 17.80 -2.90
N LEU B 57 5.67 18.21 -4.17
CA LEU B 57 4.78 19.25 -4.65
C LEU B 57 4.90 20.51 -3.79
N VAL B 58 6.14 20.95 -3.61
CA VAL B 58 6.48 22.21 -2.93
C VAL B 58 6.18 22.14 -1.44
N SER B 59 4.94 21.83 -1.07
CA SER B 59 4.48 22.03 0.30
C SER B 59 3.96 20.78 1.01
N LYS B 60 3.76 19.67 0.31
CA LYS B 60 3.21 18.48 0.95
C LYS B 60 4.31 17.69 1.65
N LEU B 61 4.15 17.49 2.96
CA LEU B 61 5.13 16.76 3.75
C LEU B 61 4.89 15.25 3.67
N ASP B 62 5.98 14.50 3.80
CA ASP B 62 5.88 13.07 3.99
C ASP B 62 5.32 12.78 5.37
N PRO B 63 4.43 11.78 5.50
CA PRO B 63 3.82 11.53 6.81
C PRO B 63 4.81 11.25 7.93
N GLY B 64 5.99 10.73 7.61
CA GLY B 64 7.01 10.51 8.63
C GLY B 64 7.79 11.73 9.05
N ILE B 65 7.66 12.84 8.32
CA ILE B 65 8.43 14.05 8.59
C ILE B 65 7.67 14.93 9.58
N PRO B 66 8.34 15.48 10.59
CA PRO B 66 7.64 16.36 11.55
C PRO B 66 7.18 17.65 10.90
N ASP B 67 6.31 18.35 11.62
CA ASP B 67 5.66 19.56 11.11
C ASP B 67 6.57 20.79 11.10
N ARG B 68 7.76 20.70 11.69
CA ARG B 68 8.66 21.85 11.69
C ARG B 68 9.23 22.14 10.31
N PHE B 69 9.17 21.19 9.39
CA PHE B 69 9.57 21.40 8.01
C PHE B 69 8.40 21.98 7.23
N SER B 70 8.67 23.01 6.43
CA SER B 70 7.66 23.63 5.59
C SER B 70 8.29 24.04 4.27
N GLY B 71 7.47 24.12 3.23
CA GLY B 71 7.94 24.48 1.91
C GLY B 71 7.01 25.43 1.19
N SER B 72 7.55 26.53 0.68
CA SER B 72 6.75 27.54 0.01
C SER B 72 7.53 28.05 -1.19
N GLY B 73 6.91 27.98 -2.38
CA GLY B 73 7.56 28.45 -3.57
C GLY B 73 6.58 28.71 -4.69
N SER B 74 7.02 29.52 -5.65
CA SER B 74 6.23 29.81 -6.84
C SER B 74 6.62 28.87 -7.97
N GLU B 75 6.48 29.33 -9.22
CA GLU B 75 6.79 28.47 -10.36
C GLU B 75 8.30 28.28 -10.51
N THR B 76 9.09 29.32 -10.24
CA THR B 76 10.52 29.28 -10.49
C THR B 76 11.37 29.33 -9.24
N ASP B 77 10.90 29.94 -8.15
CA ASP B 77 11.67 30.09 -6.93
C ASP B 77 10.99 29.33 -5.81
N PHE B 78 11.79 28.65 -4.98
CA PHE B 78 11.27 27.80 -3.93
C PHE B 78 12.08 28.00 -2.65
N THR B 79 11.44 27.72 -1.52
CA THR B 79 12.07 27.90 -0.21
C THR B 79 11.66 26.77 0.72
N LEU B 80 12.65 26.15 1.36
CA LEU B 80 12.43 25.13 2.39
C LEU B 80 12.76 25.74 3.74
N LYS B 81 11.80 25.70 4.66
CA LYS B 81 11.94 26.32 5.97
C LYS B 81 11.85 25.27 7.07
N ILE B 82 12.65 25.45 8.11
CA ILE B 82 12.59 24.64 9.32
C ILE B 82 12.22 25.57 10.47
N SER B 83 11.15 25.24 11.18
CA SER B 83 10.67 26.10 12.27
C SER B 83 11.72 26.19 13.38
N ARG B 84 11.99 25.06 14.03
CA ARG B 84 13.01 24.99 15.08
C ARG B 84 13.96 23.86 14.72
N VAL B 85 15.19 24.22 14.35
CA VAL B 85 16.16 23.23 13.91
C VAL B 85 16.57 22.36 15.10
N GLU B 86 16.55 21.05 14.89
CA GLU B 86 17.00 20.08 15.88
C GLU B 86 18.28 19.40 15.41
N ALA B 87 18.88 18.64 16.31
CA ALA B 87 20.18 18.03 16.03
C ALA B 87 20.11 17.04 14.87
N GLU B 88 19.00 16.32 14.75
CA GLU B 88 18.86 15.32 13.69
C GLU B 88 18.66 15.93 12.31
N ASP B 89 18.53 17.25 12.20
CA ASP B 89 18.27 17.92 10.94
C ASP B 89 19.54 18.21 10.15
N LEU B 90 20.69 17.70 10.57
CA LEU B 90 21.92 17.92 9.83
C LEU B 90 21.89 17.15 8.51
N GLY B 91 22.91 17.40 7.69
CA GLY B 91 23.06 16.74 6.42
C GLY B 91 22.95 17.71 5.27
N VAL B 92 22.91 17.15 4.06
CA VAL B 92 22.85 17.93 2.83
C VAL B 92 21.44 17.84 2.27
N TYR B 93 20.90 18.99 1.85
CA TYR B 93 19.55 19.10 1.31
C TYR B 93 19.61 19.38 -0.18
N TYR B 94 18.86 18.61 -0.96
CA TYR B 94 18.78 18.79 -2.41
C TYR B 94 17.33 19.06 -2.80
N CYS B 95 17.15 19.98 -3.75
CA CYS B 95 15.87 20.10 -4.42
C CYS B 95 15.89 19.29 -5.71
N LEU B 96 14.71 18.85 -6.14
CA LEU B 96 14.58 17.97 -7.28
C LEU B 96 13.30 18.30 -8.03
N GLN B 97 13.44 18.65 -9.31
CA GLN B 97 12.29 18.95 -10.14
C GLN B 97 11.82 17.69 -10.87
N GLY B 98 10.51 17.57 -11.00
CA GLY B 98 9.92 16.42 -11.66
C GLY B 98 8.96 16.80 -12.77
N THR B 99 9.05 18.05 -13.23
CA THR B 99 8.12 18.53 -14.26
C THR B 99 8.56 18.11 -15.66
N TYR B 100 9.80 18.41 -16.03
CA TYR B 100 10.29 18.17 -17.38
C TYR B 100 11.36 17.10 -17.36
N TYR B 101 11.25 16.15 -18.29
CA TYR B 101 12.25 15.11 -18.43
C TYR B 101 13.59 15.70 -18.85
N PRO B 102 14.71 15.27 -18.25
CA PRO B 102 14.76 14.30 -17.16
C PRO B 102 14.79 14.94 -15.78
N PHE B 103 14.75 14.11 -14.73
CA PHE B 103 14.93 14.61 -13.38
C PHE B 103 16.30 15.28 -13.25
N THR B 104 16.34 16.38 -12.51
CA THR B 104 17.58 17.08 -12.22
C THR B 104 17.59 17.53 -10.77
N PHE B 105 18.73 17.34 -10.12
CA PHE B 105 18.91 17.74 -8.73
C PHE B 105 19.64 19.08 -8.65
N GLY B 106 19.60 19.67 -7.45
CA GLY B 106 20.35 20.88 -7.17
C GLY B 106 21.77 20.59 -6.71
N SER B 107 22.50 21.68 -6.46
CA SER B 107 23.88 21.54 -6.01
C SER B 107 23.96 20.96 -4.60
N GLY B 108 22.99 21.28 -3.76
CA GLY B 108 23.00 20.81 -2.39
C GLY B 108 23.39 21.92 -1.43
N THR B 109 22.82 21.86 -0.22
CA THR B 109 23.07 22.83 0.83
C THR B 109 23.44 22.09 2.11
N LYS B 110 24.69 22.24 2.54
CA LYS B 110 25.14 21.61 3.77
C LYS B 110 24.65 22.40 4.98
N LEU B 111 23.98 21.72 5.90
CA LEU B 111 23.44 22.35 7.09
C LEU B 111 24.21 21.86 8.30
N GLU B 112 24.87 22.78 9.00
CA GLU B 112 25.57 22.47 10.25
C GLU B 112 24.71 22.90 11.42
N ILE B 113 24.74 22.10 12.49
CA ILE B 113 24.00 22.41 13.70
C ILE B 113 24.91 23.16 14.65
N LYS B 114 24.49 24.36 15.05
CA LYS B 114 25.27 25.20 15.95
C LYS B 114 24.88 24.92 17.39
N ARG B 115 25.85 24.51 18.20
CA ARG B 115 25.65 24.19 19.61
C ARG B 115 26.69 24.94 20.44
N THR B 116 26.55 24.81 21.75
CA THR B 116 27.48 25.47 22.66
C THR B 116 28.89 24.92 22.49
N VAL B 117 29.88 25.74 22.82
CA VAL B 117 31.27 25.35 22.67
C VAL B 117 31.59 24.22 23.64
N ALA B 118 32.24 23.17 23.13
CA ALA B 118 32.65 22.03 23.93
C ALA B 118 34.14 21.79 23.71
N ALA B 119 34.89 21.67 24.80
CA ALA B 119 36.32 21.41 24.70
C ALA B 119 36.56 19.93 24.37
N PRO B 120 37.58 19.63 23.56
CA PRO B 120 37.85 18.24 23.20
C PRO B 120 38.56 17.48 24.31
N SER B 121 38.30 16.18 24.35
CA SER B 121 39.06 15.26 25.18
C SER B 121 40.20 14.69 24.34
N VAL B 122 41.42 14.77 24.88
CA VAL B 122 42.62 14.43 24.13
C VAL B 122 43.14 13.08 24.63
N PHE B 123 43.27 12.13 23.71
CA PHE B 123 43.87 10.83 23.99
C PHE B 123 45.01 10.58 23.03
N ILE B 124 45.97 9.76 23.45
CA ILE B 124 47.10 9.39 22.61
C ILE B 124 47.33 7.88 22.73
N PHE B 125 47.68 7.25 21.62
CA PHE B 125 47.88 5.81 21.55
C PHE B 125 49.28 5.51 21.03
N PRO B 126 50.16 4.90 21.82
CA PRO B 126 51.46 4.46 21.29
C PRO B 126 51.26 3.38 20.24
N PRO B 127 52.24 3.19 19.35
CA PRO B 127 52.09 2.19 18.30
C PRO B 127 52.07 0.77 18.86
N SER B 128 51.30 -0.09 18.21
CA SER B 128 51.19 -1.48 18.63
C SER B 128 52.45 -2.25 18.28
N ASP B 129 52.74 -3.27 19.10
CA ASP B 129 53.91 -4.10 18.84
C ASP B 129 53.78 -4.89 17.54
N GLU B 130 52.55 -5.27 17.17
CA GLU B 130 52.36 -5.99 15.91
C GLU B 130 52.73 -5.12 14.72
N GLN B 131 52.41 -3.83 14.78
CA GLN B 131 52.80 -2.93 13.69
C GLN B 131 54.29 -2.65 13.70
N LEU B 132 54.91 -2.63 14.88
CA LEU B 132 56.36 -2.42 14.95
C LEU B 132 57.12 -3.59 14.33
N LYS B 133 56.57 -4.80 14.39
CA LYS B 133 57.21 -5.94 13.75
C LYS B 133 57.17 -5.82 12.24
N SER B 134 56.18 -5.09 11.71
CA SER B 134 56.07 -4.90 10.27
C SER B 134 57.06 -3.87 9.74
N GLY B 135 57.52 -2.94 10.59
CA GLY B 135 58.50 -1.95 10.21
C GLY B 135 57.99 -0.53 10.19
N THR B 136 56.73 -0.29 10.59
CA THR B 136 56.17 1.04 10.63
C THR B 136 55.63 1.33 12.03
N ALA B 137 55.44 2.62 12.31
CA ALA B 137 54.96 3.06 13.62
C ALA B 137 53.99 4.21 13.42
N SER B 138 52.73 4.00 13.82
CA SER B 138 51.70 5.01 13.73
C SER B 138 51.29 5.44 15.13
N VAL B 139 51.47 6.72 15.44
CA VAL B 139 51.07 7.28 16.73
C VAL B 139 49.80 8.09 16.49
N VAL B 140 48.73 7.73 17.18
CA VAL B 140 47.43 8.36 16.98
C VAL B 140 47.15 9.32 18.13
N CYS B 141 46.64 10.51 17.79
CA CYS B 141 46.18 11.49 18.75
C CYS B 141 44.70 11.75 18.49
N LEU B 142 43.88 11.61 19.51
CA LEU B 142 42.43 11.61 19.37
C LEU B 142 41.81 12.80 20.09
N LEU B 143 40.99 13.56 19.35
CA LEU B 143 40.16 14.62 19.91
C LEU B 143 38.72 14.17 19.81
N ASN B 144 38.00 14.20 20.93
CA ASN B 144 36.67 13.62 20.99
C ASN B 144 35.66 14.63 21.51
N ASN B 145 34.51 14.71 20.82
CA ASN B 145 33.33 15.44 21.30
C ASN B 145 33.64 16.90 21.58
N PHE B 146 34.01 17.63 20.54
CA PHE B 146 34.27 19.05 20.64
C PHE B 146 33.41 19.82 19.63
N TYR B 147 33.26 21.11 19.89
CA TYR B 147 32.58 22.03 18.99
C TYR B 147 33.12 23.42 19.24
N PRO B 148 33.37 24.22 18.19
CA PRO B 148 33.18 23.87 16.78
C PRO B 148 34.30 22.98 16.23
N ARG B 149 34.20 22.60 14.96
CA ARG B 149 35.13 21.65 14.38
C ARG B 149 36.51 22.24 14.13
N GLU B 150 36.66 23.55 14.20
CA GLU B 150 37.96 24.19 13.97
C GLU B 150 38.90 23.85 15.12
N ALA B 151 39.91 23.04 14.83
CA ALA B 151 40.91 22.65 15.83
C ALA B 151 42.25 22.49 15.15
N LYS B 152 43.32 22.66 15.93
CA LYS B 152 44.68 22.59 15.43
C LYS B 152 45.46 21.59 16.27
N VAL B 153 46.11 20.64 15.60
CA VAL B 153 46.91 19.61 16.25
C VAL B 153 48.33 19.69 15.69
N GLN B 154 49.32 19.66 16.58
CA GLN B 154 50.71 19.69 16.17
C GLN B 154 51.49 18.66 16.97
N TRP B 155 52.36 17.93 16.28
CA TRP B 155 53.16 16.88 16.88
C TRP B 155 54.51 17.41 17.30
N LYS B 156 55.00 16.93 18.44
CA LYS B 156 56.33 17.26 18.95
C LYS B 156 57.04 15.97 19.32
N VAL B 157 58.17 15.71 18.66
CA VAL B 157 59.01 14.57 18.97
C VAL B 157 60.26 15.11 19.64
N ASP B 158 60.38 14.89 20.95
CA ASP B 158 61.47 15.43 21.76
C ASP B 158 61.49 16.96 21.68
N ASN B 159 60.33 17.57 21.91
CA ASN B 159 60.14 19.02 21.90
C ASN B 159 60.49 19.64 20.54
N ALA B 160 60.58 18.85 19.50
CA ALA B 160 60.88 19.32 18.15
C ALA B 160 59.61 19.23 17.31
N LEU B 161 59.15 20.38 16.80
CA LEU B 161 57.92 20.41 16.02
C LEU B 161 58.10 19.64 14.71
N GLN B 162 57.13 18.80 14.40
CA GLN B 162 57.14 17.99 13.19
C GLN B 162 56.30 18.63 12.09
N SER B 163 56.53 18.19 10.86
CA SER B 163 55.76 18.63 9.71
C SER B 163 56.01 17.68 8.55
N GLY B 164 54.96 17.36 7.81
CA GLY B 164 55.07 16.55 6.63
C GLY B 164 54.97 15.05 6.83
N ASN B 165 54.73 14.60 8.06
CA ASN B 165 54.69 13.17 8.36
C ASN B 165 53.45 12.76 9.15
N SER B 166 52.41 13.58 9.14
CA SER B 166 51.18 13.28 9.86
C SER B 166 49.98 13.56 8.97
N GLN B 167 48.89 12.84 9.25
CA GLN B 167 47.61 13.04 8.58
C GLN B 167 46.50 13.06 9.62
N GLU B 168 45.47 13.87 9.36
CA GLU B 168 44.38 14.02 10.29
C GLU B 168 43.04 13.90 9.56
N SER B 169 42.02 13.46 10.29
CA SER B 169 40.70 13.27 9.74
C SER B 169 39.66 13.63 10.80
N VAL B 170 38.63 14.36 10.39
CA VAL B 170 37.54 14.78 11.26
C VAL B 170 36.30 13.97 10.91
N THR B 171 35.54 13.58 11.93
CA THR B 171 34.28 12.91 11.71
C THR B 171 33.24 13.87 11.16
N GLU B 172 32.10 13.32 10.76
CA GLU B 172 30.93 14.13 10.50
C GLU B 172 30.34 14.60 11.83
N GLN B 173 29.45 15.58 11.76
CA GLN B 173 28.81 16.08 12.96
C GLN B 173 27.89 15.00 13.54
N ASP B 174 27.94 14.84 14.86
CA ASP B 174 27.13 13.82 15.51
C ASP B 174 25.65 14.17 15.41
N SER B 175 24.83 13.16 15.10
CA SER B 175 23.40 13.38 14.98
C SER B 175 22.72 13.61 16.33
N LYS B 176 23.40 13.33 17.43
CA LYS B 176 22.82 13.45 18.76
C LYS B 176 23.35 14.67 19.52
N ASP B 177 24.66 14.76 19.73
CA ASP B 177 25.24 15.85 20.49
C ASP B 177 25.81 16.96 19.60
N SER B 178 25.78 16.80 18.28
CA SER B 178 26.18 17.83 17.33
C SER B 178 27.64 18.25 17.50
N THR B 179 28.49 17.34 17.96
CA THR B 179 29.91 17.62 18.13
C THR B 179 30.71 16.87 17.07
N TYR B 180 32.02 17.13 17.06
CA TYR B 180 32.93 16.50 16.12
C TYR B 180 34.02 15.75 16.87
N SER B 181 34.68 14.85 16.14
CA SER B 181 35.85 14.14 16.64
C SER B 181 36.94 14.17 15.58
N LEU B 182 38.19 14.14 16.02
CA LEU B 182 39.32 14.28 15.11
C LEU B 182 40.42 13.32 15.54
N SER B 183 40.97 12.60 14.56
CA SER B 183 42.13 11.75 14.76
C SER B 183 43.32 12.32 13.99
N SER B 184 44.50 12.24 14.59
CA SER B 184 45.73 12.67 13.94
C SER B 184 46.75 11.53 14.06
N THR B 185 47.17 11.00 12.92
CA THR B 185 48.07 9.85 12.88
C THR B 185 49.45 10.31 12.43
N LEU B 186 50.46 10.05 13.28
CA LEU B 186 51.85 10.32 12.95
C LEU B 186 52.50 9.01 12.56
N THR B 187 52.90 8.90 11.29
CA THR B 187 53.45 7.65 10.75
C THR B 187 54.95 7.81 10.54
N LEU B 188 55.70 6.81 10.98
CA LEU B 188 57.15 6.78 10.86
C LEU B 188 57.60 5.36 10.58
N SER B 189 58.87 5.23 10.19
CA SER B 189 59.46 3.92 10.04
C SER B 189 59.89 3.38 11.41
N LYS B 190 60.12 2.07 11.47
CA LYS B 190 60.62 1.47 12.70
C LYS B 190 61.97 2.06 13.10
N ALA B 191 62.81 2.37 12.11
CA ALA B 191 64.09 3.01 12.41
C ALA B 191 63.90 4.41 12.97
N ASP B 192 63.11 5.24 12.28
CA ASP B 192 62.90 6.61 12.72
C ASP B 192 62.21 6.68 14.07
N TYR B 193 61.36 5.70 14.37
CA TYR B 193 60.63 5.73 15.63
C TYR B 193 61.55 5.44 16.81
N GLU B 194 62.44 4.46 16.67
CA GLU B 194 63.36 4.10 17.75
C GLU B 194 64.45 5.14 17.98
N LYS B 195 64.56 6.15 17.11
CA LYS B 195 65.59 7.16 17.28
C LYS B 195 65.27 8.14 18.40
N HIS B 196 64.01 8.23 18.81
CA HIS B 196 63.57 9.19 19.81
C HIS B 196 62.83 8.48 20.94
N LYS B 197 62.52 9.24 21.99
CA LYS B 197 61.89 8.68 23.18
C LYS B 197 60.60 9.38 23.56
N VAL B 198 60.50 10.69 23.38
CA VAL B 198 59.34 11.46 23.82
C VAL B 198 58.49 11.82 22.61
N TYR B 199 57.23 11.37 22.62
CA TYR B 199 56.27 11.68 21.56
C TYR B 199 55.04 12.33 22.18
N ALA B 200 54.64 13.47 21.63
CA ALA B 200 53.53 14.24 22.19
C ALA B 200 52.75 14.92 21.07
N CYS B 201 51.46 15.15 21.33
CA CYS B 201 50.62 15.97 20.46
C CYS B 201 50.06 17.13 21.24
N GLU B 202 50.17 18.33 20.68
CA GLU B 202 49.69 19.56 21.30
C GLU B 202 48.39 19.98 20.62
N VAL B 203 47.36 20.26 21.41
CA VAL B 203 46.02 20.51 20.91
C VAL B 203 45.60 21.93 21.28
N THR B 204 45.14 22.69 20.28
CA THR B 204 44.61 24.03 20.48
C THR B 204 43.17 24.07 19.97
N HIS B 205 42.26 24.58 20.78
CA HIS B 205 40.86 24.65 20.39
C HIS B 205 40.22 25.87 21.02
N GLN B 206 39.12 26.31 20.39
CA GLN B 206 38.38 27.48 20.87
C GLN B 206 37.93 27.31 22.32
N GLY B 207 37.54 26.10 22.70
CA GLY B 207 37.11 25.82 24.05
C GLY B 207 38.20 25.59 25.06
N LEU B 208 39.47 25.78 24.68
CA LEU B 208 40.60 25.61 25.58
C LEU B 208 41.33 26.94 25.72
N SER B 209 41.74 27.24 26.95
CA SER B 209 42.47 28.49 27.20
C SER B 209 43.93 28.37 26.77
N SER B 210 44.59 27.29 27.17
CA SER B 210 45.97 27.01 26.80
C SER B 210 46.05 25.69 26.04
N PRO B 211 47.10 25.47 25.26
CA PRO B 211 47.23 24.20 24.54
C PRO B 211 47.36 23.03 25.51
N VAL B 212 46.69 21.92 25.16
CA VAL B 212 46.74 20.69 25.94
C VAL B 212 47.75 19.76 25.30
N THR B 213 48.53 19.07 26.13
CA THR B 213 49.62 18.21 25.66
C THR B 213 49.48 16.82 26.25
N LYS B 214 49.20 15.84 25.41
CA LYS B 214 49.28 14.43 25.79
C LYS B 214 50.60 13.86 25.28
N SER B 215 51.37 13.26 26.18
CA SER B 215 52.69 12.77 25.84
C SER B 215 52.90 11.37 26.42
N PHE B 216 53.87 10.66 25.87
CA PHE B 216 54.28 9.37 26.39
C PHE B 216 55.74 9.14 26.04
N ASN B 217 56.37 8.22 26.76
CA ASN B 217 57.75 7.84 26.53
C ASN B 217 57.81 6.44 25.93
N ARG B 218 58.60 6.27 24.88
CA ARG B 218 58.77 4.96 24.28
C ARG B 218 59.44 4.04 25.30
N GLY B 219 58.78 2.93 25.62
CA GLY B 219 59.26 2.01 26.63
C GLY B 219 58.42 1.96 27.87
N GLU B 220 57.47 2.89 28.05
CA GLU B 220 56.61 2.87 29.23
C GLU B 220 55.77 1.60 29.29
N CYS B 221 55.33 1.12 28.13
CA CYS B 221 54.53 -0.09 28.03
C CYS B 221 55.27 -1.30 28.61
N GLN C 3 13.18 -1.83 2.94
CA GLN C 3 12.36 -2.43 1.89
C GLN C 3 13.12 -2.56 0.57
N LEU C 4 14.33 -2.01 0.53
CA LEU C 4 15.19 -2.09 -0.65
C LEU C 4 16.60 -2.47 -0.21
N GLN C 5 17.11 -3.58 -0.75
CA GLN C 5 18.44 -4.08 -0.45
C GLN C 5 19.28 -4.09 -1.72
N GLN C 6 20.48 -3.51 -1.65
CA GLN C 6 21.38 -3.43 -2.78
C GLN C 6 22.59 -4.35 -2.59
N SER C 7 23.32 -4.54 -3.67
CA SER C 7 24.51 -5.39 -3.66
C SER C 7 25.69 -4.63 -3.05
N GLY C 8 26.77 -5.38 -2.81
CA GLY C 8 27.94 -4.85 -2.14
C GLY C 8 28.80 -3.99 -3.05
N PRO C 9 29.82 -3.39 -2.45
CA PRO C 9 30.73 -2.53 -3.23
C PRO C 9 31.54 -3.33 -4.23
N GLU C 10 31.83 -2.69 -5.37
CA GLU C 10 32.47 -3.34 -6.50
C GLU C 10 33.71 -2.57 -6.92
N LEU C 11 34.77 -3.31 -7.25
CA LEU C 11 35.97 -2.76 -7.87
C LEU C 11 36.03 -3.24 -9.31
N VAL C 12 36.07 -2.31 -10.25
CA VAL C 12 36.00 -2.62 -11.69
C VAL C 12 37.20 -2.00 -12.39
N LYS C 13 37.82 -2.77 -13.29
CA LYS C 13 38.90 -2.26 -14.12
C LYS C 13 38.33 -1.42 -15.26
N PRO C 14 39.07 -0.42 -15.74
CA PRO C 14 38.55 0.45 -16.80
C PRO C 14 38.31 -0.34 -18.09
N GLY C 15 37.09 -0.20 -18.62
CA GLY C 15 36.66 -0.91 -19.80
C GLY C 15 35.75 -2.09 -19.51
N ALA C 16 35.85 -2.67 -18.31
CA ALA C 16 35.01 -3.80 -17.95
C ALA C 16 33.59 -3.32 -17.66
N SER C 17 32.73 -4.27 -17.30
CA SER C 17 31.34 -4.00 -16.98
C SER C 17 31.04 -4.45 -15.57
N VAL C 18 29.95 -3.92 -15.02
CA VAL C 18 29.51 -4.24 -13.66
C VAL C 18 28.00 -4.38 -13.65
N LYS C 19 27.49 -5.25 -12.79
CA LYS C 19 26.07 -5.50 -12.64
C LYS C 19 25.73 -5.46 -11.16
N ILE C 20 24.88 -4.52 -10.76
CA ILE C 20 24.45 -4.38 -9.38
C ILE C 20 22.94 -4.65 -9.31
N SER C 21 22.51 -5.17 -8.17
CA SER C 21 21.13 -5.62 -7.99
C SER C 21 20.44 -4.79 -6.92
N CYS C 22 19.11 -4.78 -6.98
CA CYS C 22 18.26 -4.06 -6.02
C CYS C 22 17.12 -4.99 -5.62
N LYS C 23 17.27 -5.64 -4.47
CA LYS C 23 16.26 -6.57 -3.97
C LYS C 23 15.11 -5.79 -3.33
N ALA C 24 13.90 -6.02 -3.81
CA ALA C 24 12.70 -5.37 -3.27
C ALA C 24 11.91 -6.36 -2.41
N SER C 25 11.24 -5.81 -1.40
CA SER C 25 10.46 -6.64 -0.49
C SER C 25 9.43 -5.77 0.22
N GLY C 26 8.28 -6.36 0.52
CA GLY C 26 7.28 -5.73 1.35
C GLY C 26 6.20 -4.94 0.64
N TYR C 27 6.17 -4.96 -0.69
CA TYR C 27 5.17 -4.19 -1.43
C TYR C 27 4.94 -4.85 -2.78
N SER C 28 3.91 -4.37 -3.47
CA SER C 28 3.58 -4.84 -4.81
C SER C 28 4.69 -4.43 -5.77
N PHE C 29 5.51 -5.39 -6.19
CA PHE C 29 6.69 -5.07 -6.97
C PHE C 29 6.34 -4.44 -8.32
N THR C 30 5.32 -4.97 -8.99
CA THR C 30 4.96 -4.48 -10.32
C THR C 30 4.12 -3.21 -10.27
N GLY C 31 3.84 -2.67 -9.09
CA GLY C 31 2.97 -1.52 -8.97
C GLY C 31 3.65 -0.18 -8.82
N TYR C 32 4.98 -0.13 -8.82
CA TYR C 32 5.71 1.11 -8.62
C TYR C 32 6.97 1.10 -9.48
N TYR C 33 7.29 2.26 -10.07
CA TYR C 33 8.53 2.38 -10.81
C TYR C 33 9.73 2.26 -9.88
N MET C 34 10.84 1.78 -10.42
CA MET C 34 12.10 1.68 -9.68
C MET C 34 13.15 2.50 -10.42
N HIS C 35 13.60 3.57 -9.79
CA HIS C 35 14.56 4.50 -10.37
C HIS C 35 15.96 4.21 -9.83
N TRP C 36 16.97 4.68 -10.58
CA TRP C 36 18.36 4.55 -10.19
C TRP C 36 19.03 5.92 -10.25
N VAL C 37 19.88 6.20 -9.28
CA VAL C 37 20.51 7.51 -9.12
C VAL C 37 22.01 7.33 -8.94
N LYS C 38 22.78 8.19 -9.61
CA LYS C 38 24.22 8.21 -9.47
C LYS C 38 24.64 9.37 -8.58
N GLN C 39 25.56 9.10 -7.65
CA GLN C 39 26.11 10.12 -6.77
C GLN C 39 27.63 10.12 -6.91
N SER C 40 28.14 11.01 -7.75
CA SER C 40 29.59 11.08 -7.96
C SER C 40 30.31 11.60 -6.72
N HIS C 41 29.79 12.65 -6.11
CA HIS C 41 30.33 13.16 -4.86
C HIS C 41 29.19 13.82 -4.08
N VAL C 42 29.53 14.64 -3.10
CA VAL C 42 28.53 15.16 -2.17
C VAL C 42 27.58 16.12 -2.86
N LYS C 43 28.04 16.83 -3.89
CA LYS C 43 27.20 17.82 -4.57
C LYS C 43 26.66 17.31 -5.91
N SER C 44 27.05 16.13 -6.36
CA SER C 44 26.66 15.61 -7.67
C SER C 44 25.63 14.50 -7.47
N LEU C 45 24.39 14.77 -7.89
CA LEU C 45 23.30 13.80 -7.82
C LEU C 45 22.60 13.78 -9.17
N GLU C 46 22.59 12.64 -9.83
CA GLU C 46 22.08 12.52 -11.20
C GLU C 46 21.12 11.35 -11.31
N TRP C 47 20.07 11.54 -12.10
CA TRP C 47 19.07 10.51 -12.34
C TRP C 47 19.49 9.67 -13.55
N ILE C 48 19.51 8.36 -13.37
CA ILE C 48 19.94 7.45 -14.43
C ILE C 48 18.76 7.02 -15.30
N GLY C 49 17.70 6.52 -14.68
CA GLY C 49 16.54 6.07 -15.42
C GLY C 49 15.61 5.30 -14.52
N ARG C 50 14.51 4.83 -15.13
CA ARG C 50 13.51 4.07 -14.41
C ARG C 50 13.08 2.87 -15.25
N ILE C 51 12.44 1.91 -14.59
CA ILE C 51 11.97 0.70 -15.25
C ILE C 51 10.63 0.30 -14.63
N ASP C 52 9.69 -0.11 -15.49
CA ASP C 52 8.39 -0.60 -15.02
C ASP C 52 8.49 -2.09 -14.80
N PRO C 53 8.42 -2.57 -13.54
CA PRO C 53 8.59 -4.01 -13.28
C PRO C 53 7.49 -4.88 -13.85
N TYR C 54 6.36 -4.31 -14.29
CA TYR C 54 5.28 -5.13 -14.82
C TYR C 54 5.65 -5.74 -16.17
N ASP C 55 6.05 -4.90 -17.12
CA ASP C 55 6.37 -5.37 -18.47
C ASP C 55 7.83 -5.16 -18.85
N GLY C 56 8.62 -4.51 -18.01
CA GLY C 56 10.01 -4.25 -18.33
C GLY C 56 10.26 -2.99 -19.12
N ALA C 57 9.28 -2.09 -19.19
CA ALA C 57 9.46 -0.84 -19.91
C ALA C 57 10.48 0.03 -19.19
N THR C 58 11.53 0.43 -19.92
CA THR C 58 12.64 1.18 -19.36
C THR C 58 12.69 2.57 -19.99
N SER C 59 12.81 3.59 -19.15
CA SER C 59 13.02 4.97 -19.59
C SER C 59 14.35 5.44 -19.04
N TYR C 60 15.25 5.85 -19.93
CA TYR C 60 16.60 6.23 -19.56
C TYR C 60 16.81 7.73 -19.73
N ASN C 61 17.81 8.24 -19.01
CA ASN C 61 18.33 9.58 -19.25
C ASN C 61 19.29 9.54 -20.44
N GLN C 62 19.24 10.58 -21.26
CA GLN C 62 20.02 10.59 -22.50
C GLN C 62 21.52 10.49 -22.26
N ASN C 63 21.98 10.91 -21.07
CA ASN C 63 23.41 10.80 -20.76
C ASN C 63 23.84 9.36 -20.55
N PHE C 64 22.92 8.49 -20.12
CA PHE C 64 23.23 7.10 -19.78
C PHE C 64 22.64 6.12 -20.80
N LYS C 65 22.48 6.55 -22.05
CA LYS C 65 21.91 5.68 -23.07
C LYS C 65 22.83 4.49 -23.33
N ASP C 66 24.09 4.75 -23.66
CA ASP C 66 25.04 3.68 -23.95
C ASP C 66 25.76 3.16 -22.71
N LYS C 67 25.58 3.81 -21.56
CA LYS C 67 26.28 3.40 -20.34
C LYS C 67 25.49 2.40 -19.52
N ALA C 68 24.21 2.69 -19.25
CA ALA C 68 23.41 1.89 -18.34
C ALA C 68 22.28 1.18 -19.09
N SER C 69 21.89 0.02 -18.56
CA SER C 69 20.77 -0.74 -19.07
C SER C 69 20.05 -1.38 -17.90
N LEU C 70 18.74 -1.18 -17.82
CA LEU C 70 17.94 -1.65 -16.69
C LEU C 70 17.17 -2.90 -17.08
N THR C 71 17.37 -3.97 -16.32
CA THR C 71 16.59 -5.20 -16.47
C THR C 71 15.93 -5.52 -15.14
N VAL C 72 14.94 -6.42 -15.18
CA VAL C 72 14.16 -6.77 -14.02
C VAL C 72 13.96 -8.28 -13.99
N ASP C 73 13.71 -8.80 -12.78
CA ASP C 73 13.43 -10.22 -12.58
C ASP C 73 12.20 -10.31 -11.67
N LYS C 74 11.04 -10.51 -12.28
CA LYS C 74 9.80 -10.58 -11.50
C LYS C 74 9.79 -11.80 -10.58
N SER C 75 10.51 -12.86 -10.95
CA SER C 75 10.51 -14.08 -10.14
C SER C 75 11.12 -13.81 -8.76
N SER C 76 12.26 -13.15 -8.72
CA SER C 76 12.91 -12.79 -7.46
C SER C 76 12.57 -11.39 -6.99
N THR C 77 11.72 -10.67 -7.73
CA THR C 77 11.35 -9.28 -7.42
C THR C 77 12.59 -8.42 -7.22
N THR C 78 13.55 -8.58 -8.12
CA THR C 78 14.84 -7.91 -8.03
C THR C 78 15.09 -7.13 -9.31
N GLY C 79 15.52 -5.89 -9.17
CA GLY C 79 15.91 -5.06 -10.29
C GLY C 79 17.42 -4.98 -10.41
N PHE C 80 17.91 -5.00 -11.65
CA PHE C 80 19.33 -4.98 -11.92
C PHE C 80 19.68 -3.78 -12.79
N MET C 81 20.90 -3.27 -12.60
CA MET C 81 21.46 -2.25 -13.48
C MET C 81 22.85 -2.68 -13.88
N GLU C 82 23.09 -2.75 -15.19
CA GLU C 82 24.40 -3.09 -15.73
C GLU C 82 25.02 -1.86 -16.39
N LEU C 83 26.31 -1.66 -16.14
CA LEU C 83 27.05 -0.53 -16.69
C LEU C 83 28.14 -1.07 -17.60
N HIS C 84 28.26 -0.48 -18.80
CA HIS C 84 29.15 -0.98 -19.84
C HIS C 84 30.27 0.02 -20.10
N SER C 85 31.48 -0.50 -20.30
CA SER C 85 32.65 0.29 -20.68
C SER C 85 32.88 1.44 -19.71
N LEU C 86 33.25 1.07 -18.49
CA LEU C 86 33.40 2.03 -17.40
C LEU C 86 34.68 2.85 -17.55
N THR C 87 34.57 4.14 -17.24
CA THR C 87 35.70 5.06 -17.21
C THR C 87 35.88 5.58 -15.79
N SER C 88 36.85 6.47 -15.61
CA SER C 88 37.12 7.01 -14.28
C SER C 88 35.95 7.82 -13.75
N GLU C 89 35.21 8.51 -14.62
CA GLU C 89 34.08 9.32 -14.20
C GLU C 89 32.88 8.48 -13.77
N ASP C 90 32.93 7.16 -13.93
CA ASP C 90 31.83 6.30 -13.49
C ASP C 90 31.95 5.87 -12.04
N SER C 91 33.09 6.16 -11.39
CA SER C 91 33.24 5.87 -9.96
C SER C 91 32.26 6.73 -9.18
N ALA C 92 31.33 6.10 -8.48
CA ALA C 92 30.28 6.82 -7.76
C ALA C 92 29.55 5.83 -6.85
N VAL C 93 28.53 6.34 -6.16
CA VAL C 93 27.61 5.52 -5.38
C VAL C 93 26.29 5.50 -6.13
N TYR C 94 25.70 4.32 -6.26
CA TYR C 94 24.48 4.13 -7.05
C TYR C 94 23.36 3.68 -6.13
N TYR C 95 22.27 4.46 -6.13
CA TYR C 95 21.09 4.17 -5.34
C TYR C 95 19.95 3.68 -6.24
N CYS C 96 19.15 2.77 -5.72
CA CYS C 96 17.86 2.45 -6.31
C CYS C 96 16.76 2.97 -5.38
N ALA C 97 15.67 3.47 -5.97
CA ALA C 97 14.59 4.07 -5.21
C ALA C 97 13.25 3.71 -5.83
N ARG C 98 12.22 3.68 -4.99
CA ARG C 98 10.86 3.40 -5.41
C ARG C 98 10.05 4.69 -5.47
N GLU C 99 9.27 4.84 -6.54
CA GLU C 99 8.37 5.98 -6.69
C GLU C 99 7.03 5.56 -6.09
N GLY C 100 6.82 5.90 -4.82
CA GLY C 100 5.63 5.48 -4.11
C GLY C 100 4.47 6.44 -4.25
N HIS C 101 3.33 6.04 -3.69
CA HIS C 101 2.09 6.78 -3.81
C HIS C 101 1.62 7.22 -2.42
N TRP C 102 1.22 8.48 -2.30
CA TRP C 102 0.64 8.99 -1.07
C TRP C 102 -0.09 10.30 -1.36
N ASP C 103 -1.30 10.42 -0.81
CA ASP C 103 -2.13 11.62 -0.95
C ASP C 103 -2.33 11.98 -2.42
N GLY C 104 -2.50 10.96 -3.25
CA GLY C 104 -2.70 11.16 -4.68
C GLY C 104 -1.51 11.76 -5.40
N ASP C 105 -0.31 11.55 -4.88
CA ASP C 105 0.90 12.08 -5.51
C ASP C 105 2.01 11.05 -5.40
N TRP C 106 2.98 11.17 -6.30
CA TRP C 106 4.08 10.22 -6.41
C TRP C 106 5.40 10.87 -6.02
N TYR C 107 6.23 10.13 -5.29
CA TYR C 107 7.56 10.60 -4.91
C TYR C 107 8.37 9.40 -4.47
N PHE C 108 9.68 9.62 -4.31
CA PHE C 108 10.60 8.57 -3.90
C PHE C 108 10.54 8.43 -2.38
N ASP C 109 9.81 7.43 -1.91
CA ASP C 109 9.63 7.22 -0.48
C ASP C 109 10.50 6.12 0.10
N VAL C 110 11.09 5.27 -0.74
CA VAL C 110 11.98 4.21 -0.29
C VAL C 110 13.25 4.27 -1.11
N TRP C 111 14.39 4.30 -0.42
CA TRP C 111 15.70 4.36 -1.06
C TRP C 111 16.55 3.18 -0.62
N GLY C 112 17.33 2.64 -1.54
CA GLY C 112 18.33 1.65 -1.19
C GLY C 112 19.50 2.28 -0.47
N ALA C 113 20.31 1.43 0.16
CA ALA C 113 21.45 1.93 0.92
C ALA C 113 22.55 2.48 0.02
N GLY C 114 22.61 2.02 -1.22
CA GLY C 114 23.62 2.51 -2.13
C GLY C 114 24.73 1.50 -2.34
N THR C 115 25.25 1.47 -3.57
CA THR C 115 26.35 0.58 -3.93
C THR C 115 27.53 1.42 -4.38
N THR C 116 28.69 1.17 -3.75
CA THR C 116 29.91 1.90 -4.08
C THR C 116 30.62 1.20 -5.23
N VAL C 117 30.87 1.92 -6.32
CA VAL C 117 31.56 1.39 -7.49
C VAL C 117 32.82 2.21 -7.70
N THR C 118 33.97 1.55 -7.60
CA THR C 118 35.26 2.18 -7.84
C THR C 118 35.85 1.63 -9.14
N VAL C 119 36.16 2.52 -10.07
CA VAL C 119 36.73 2.14 -11.36
C VAL C 119 38.22 2.46 -11.31
N SER C 120 39.05 1.42 -11.31
CA SER C 120 40.49 1.59 -11.20
C SER C 120 41.19 0.38 -11.80
N SER C 121 42.37 0.62 -12.38
CA SER C 121 43.19 -0.47 -12.88
C SER C 121 43.97 -1.18 -11.78
N ALA C 122 44.17 -0.51 -10.64
CA ALA C 122 44.81 -1.15 -9.50
C ALA C 122 43.94 -2.28 -8.96
N SER C 123 44.58 -3.24 -8.32
CA SER C 123 43.90 -4.40 -7.77
C SER C 123 43.58 -4.17 -6.29
N THR C 124 42.63 -4.96 -5.80
CA THR C 124 42.21 -4.83 -4.42
C THR C 124 43.34 -5.26 -3.48
N LYS C 125 43.36 -4.62 -2.30
CA LYS C 125 44.35 -4.96 -1.28
C LYS C 125 43.65 -5.02 0.08
N GLY C 126 43.91 -6.09 0.81
CA GLY C 126 43.32 -6.29 2.11
C GLY C 126 43.93 -5.37 3.14
N PRO C 127 43.13 -4.98 4.14
CA PRO C 127 43.64 -4.06 5.16
C PRO C 127 44.41 -4.79 6.25
N SER C 128 45.19 -4.01 6.99
CA SER C 128 45.88 -4.48 8.19
C SER C 128 45.25 -3.79 9.39
N VAL C 129 44.86 -4.58 10.39
CA VAL C 129 44.16 -4.08 11.56
C VAL C 129 45.11 -4.11 12.75
N PHE C 130 45.34 -2.95 13.36
CA PHE C 130 46.17 -2.81 14.53
C PHE C 130 45.37 -2.24 15.70
N PRO C 131 45.55 -2.75 16.90
CA PRO C 131 44.76 -2.27 18.03
C PRO C 131 45.28 -0.95 18.58
N LEU C 132 44.35 -0.04 18.85
CA LEU C 132 44.65 1.20 19.58
C LEU C 132 44.37 0.91 21.05
N ALA C 133 45.37 0.36 21.73
CA ALA C 133 45.17 -0.14 23.08
C ALA C 133 45.01 1.01 24.07
N PRO C 134 44.08 0.89 25.02
CA PRO C 134 43.94 1.92 26.04
C PRO C 134 45.07 1.84 27.06
N SER C 135 45.30 2.97 27.72
CA SER C 135 46.35 3.07 28.73
C SER C 135 46.05 4.31 29.58
N SER C 136 46.97 4.64 30.49
CA SER C 136 46.83 5.86 31.26
C SER C 136 46.87 7.09 30.37
N LYS C 137 47.52 6.98 29.21
CA LYS C 137 47.62 8.09 28.26
C LYS C 137 46.33 8.31 27.47
N SER C 138 45.36 7.42 27.59
CA SER C 138 44.09 7.53 26.88
C SER C 138 42.92 7.51 27.86
N THR C 139 43.10 8.12 29.02
CA THR C 139 42.07 8.21 30.05
C THR C 139 41.74 9.67 30.30
N SER C 140 40.44 9.94 30.55
CA SER C 140 40.00 11.32 30.79
C SER C 140 38.71 11.25 31.61
N GLY C 141 38.82 11.51 32.91
CA GLY C 141 37.65 11.59 33.77
C GLY C 141 36.93 10.27 33.96
N GLY C 142 37.69 9.21 34.24
CA GLY C 142 37.11 7.90 34.42
C GLY C 142 36.69 7.20 33.15
N THR C 143 36.82 7.85 31.99
CA THR C 143 36.51 7.23 30.71
C THR C 143 37.81 6.91 29.98
N ALA C 144 37.83 5.78 29.30
CA ALA C 144 39.00 5.33 28.54
C ALA C 144 38.66 5.29 27.07
N ALA C 145 39.68 5.44 26.24
CA ALA C 145 39.54 5.38 24.79
C ALA C 145 40.31 4.18 24.24
N LEU C 146 39.69 3.46 23.31
CA LEU C 146 40.36 2.39 22.60
C LEU C 146 39.82 2.36 21.17
N GLY C 147 40.51 1.63 20.30
CA GLY C 147 40.08 1.59 18.92
C GLY C 147 40.93 0.66 18.08
N CYS C 148 40.67 0.70 16.77
CA CYS C 148 41.36 -0.13 15.81
C CYS C 148 41.82 0.74 14.64
N LEU C 149 43.08 0.55 14.24
CA LEU C 149 43.64 1.24 13.09
C LEU C 149 43.58 0.30 11.88
N VAL C 150 42.82 0.70 10.87
CA VAL C 150 42.67 -0.07 9.64
C VAL C 150 43.51 0.61 8.57
N LYS C 151 44.56 -0.08 8.11
CA LYS C 151 45.60 0.55 7.31
C LYS C 151 45.85 -0.23 6.04
N ASP C 152 46.15 0.50 4.95
CA ASP C 152 46.64 -0.06 3.70
C ASP C 152 45.62 -1.00 3.04
N TYR C 153 44.47 -0.43 2.69
CA TYR C 153 43.45 -1.16 1.95
C TYR C 153 43.02 -0.36 0.72
N PHE C 154 42.48 -1.07 -0.26
CA PHE C 154 41.98 -0.46 -1.48
C PHE C 154 41.02 -1.44 -2.15
N PRO C 155 39.86 -0.97 -2.64
CA PRO C 155 39.40 0.42 -2.53
C PRO C 155 38.47 0.64 -1.34
N GLU C 156 37.75 1.75 -1.35
CA GLU C 156 36.70 2.00 -0.37
C GLU C 156 35.43 1.25 -0.76
N PRO C 157 34.54 0.97 0.21
CA PRO C 157 34.66 1.25 1.64
C PRO C 157 35.05 0.03 2.45
N VAL C 158 35.45 0.26 3.70
CA VAL C 158 35.66 -0.81 4.67
C VAL C 158 34.63 -0.64 5.77
N THR C 159 34.07 -1.77 6.23
CA THR C 159 33.03 -1.77 7.25
C THR C 159 33.65 -2.14 8.59
N VAL C 160 33.49 -1.27 9.59
CA VAL C 160 33.98 -1.51 10.94
C VAL C 160 32.79 -1.56 11.89
N SER C 161 32.69 -2.63 12.67
CA SER C 161 31.73 -2.74 13.75
C SER C 161 32.44 -3.23 15.00
N TRP C 162 31.79 -3.05 16.14
CA TRP C 162 32.34 -3.43 17.44
C TRP C 162 31.44 -4.46 18.09
N ASN C 163 32.03 -5.59 18.50
CA ASN C 163 31.32 -6.68 19.17
C ASN C 163 30.13 -7.15 18.34
N SER C 164 30.39 -7.40 17.06
CA SER C 164 29.38 -7.90 16.11
C SER C 164 28.17 -6.97 16.03
N GLY C 165 28.39 -5.67 16.25
CA GLY C 165 27.33 -4.70 16.19
C GLY C 165 26.66 -4.41 17.52
N ALA C 166 27.07 -5.09 18.60
CA ALA C 166 26.44 -4.87 19.90
C ALA C 166 26.92 -3.57 20.55
N LEU C 167 28.13 -3.11 20.22
CA LEU C 167 28.68 -1.88 20.78
C LEU C 167 28.57 -0.77 19.73
N THR C 168 27.67 0.19 19.99
CA THR C 168 27.42 1.30 19.07
C THR C 168 27.53 2.65 19.74
N SER C 169 27.12 2.77 21.00
CA SER C 169 27.17 4.06 21.69
C SER C 169 28.62 4.48 21.89
N GLY C 170 28.90 5.75 21.59
CA GLY C 170 30.23 6.28 21.76
C GLY C 170 31.24 5.86 20.72
N VAL C 171 30.80 5.25 19.62
CA VAL C 171 31.70 4.77 18.58
C VAL C 171 31.86 5.85 17.52
N HIS C 172 33.10 6.16 17.16
CA HIS C 172 33.41 7.10 16.10
C HIS C 172 34.33 6.42 15.09
N THR C 173 33.81 6.17 13.89
CA THR C 173 34.61 5.64 12.79
C THR C 173 34.93 6.80 11.84
N PHE C 174 36.22 7.08 11.69
CA PHE C 174 36.64 8.26 10.95
C PHE C 174 36.60 8.02 9.45
N PRO C 175 36.31 9.06 8.66
CA PRO C 175 36.49 8.96 7.21
C PRO C 175 37.93 8.58 6.87
N ALA C 176 38.09 7.73 5.86
CA ALA C 176 39.41 7.27 5.49
C ALA C 176 40.24 8.40 4.92
N VAL C 177 41.56 8.27 5.05
CA VAL C 177 42.51 9.24 4.51
C VAL C 177 43.30 8.56 3.40
N LEU C 178 43.67 9.36 2.40
CA LEU C 178 44.49 8.89 1.30
C LEU C 178 45.95 9.03 1.67
N GLN C 179 46.68 7.92 1.66
CA GLN C 179 48.10 7.94 1.97
C GLN C 179 48.91 8.14 0.69
N SER C 180 50.17 8.54 0.87
CA SER C 180 51.07 8.77 -0.26
C SER C 180 51.25 7.52 -1.12
N SER C 181 51.05 6.34 -0.53
CA SER C 181 51.12 5.09 -1.29
C SER C 181 49.86 4.82 -2.10
N GLY C 182 48.87 5.72 -2.06
CA GLY C 182 47.62 5.50 -2.75
C GLY C 182 46.65 4.60 -2.03
N LEU C 183 47.02 4.07 -0.86
CA LEU C 183 46.15 3.20 -0.07
C LEU C 183 45.44 4.02 0.99
N TYR C 184 44.22 3.59 1.32
CA TYR C 184 43.42 4.28 2.32
C TYR C 184 43.73 3.75 3.72
N SER C 185 43.40 4.57 4.71
CA SER C 185 43.56 4.21 6.12
C SER C 185 42.52 4.96 6.94
N LEU C 186 42.00 4.31 7.97
CA LEU C 186 41.06 4.97 8.87
C LEU C 186 41.20 4.37 10.26
N SER C 187 40.43 4.91 11.20
CA SER C 187 40.41 4.46 12.57
CA SER C 187 40.42 4.45 12.58
C SER C 187 38.99 4.50 13.10
N SER C 188 38.69 3.57 14.00
CA SER C 188 37.41 3.51 14.70
C SER C 188 37.70 3.52 16.18
N VAL C 189 37.04 4.41 16.93
CA VAL C 189 37.32 4.59 18.34
C VAL C 189 36.02 4.55 19.13
N VAL C 190 36.13 4.17 20.40
CA VAL C 190 35.00 4.13 21.32
C VAL C 190 35.49 4.55 22.70
N THR C 191 34.66 5.29 23.42
CA THR C 191 34.93 5.67 24.80
C THR C 191 34.14 4.76 25.73
N VAL C 192 34.86 4.15 26.68
CA VAL C 192 34.23 3.22 27.62
C VAL C 192 34.66 3.61 29.04
N PRO C 193 33.95 3.12 30.05
CA PRO C 193 34.42 3.32 31.43
C PRO C 193 35.75 2.60 31.65
N SER C 194 36.70 3.32 32.25
CA SER C 194 38.02 2.72 32.50
C SER C 194 37.93 1.58 33.51
N SER C 195 36.96 1.61 34.42
CA SER C 195 36.80 0.51 35.36
C SER C 195 36.36 -0.77 34.68
N SER C 196 35.72 -0.67 33.52
CA SER C 196 35.21 -1.84 32.81
C SER C 196 36.21 -2.43 31.82
N LEU C 197 37.48 -2.02 31.89
CA LEU C 197 38.48 -2.57 30.98
C LEU C 197 38.87 -3.99 31.37
N GLY C 198 38.73 -4.36 32.64
CA GLY C 198 39.08 -5.70 33.06
C GLY C 198 37.99 -6.73 32.84
N THR C 199 36.72 -6.29 32.88
CA THR C 199 35.58 -7.19 32.73
C THR C 199 35.06 -7.27 31.30
N GLN C 200 34.95 -6.14 30.62
CA GLN C 200 34.38 -6.12 29.28
C GLN C 200 35.41 -6.51 28.24
N THR C 201 34.95 -7.11 27.15
CA THR C 201 35.78 -7.48 26.01
C THR C 201 35.38 -6.63 24.82
N TYR C 202 36.36 -5.97 24.20
CA TYR C 202 36.11 -5.06 23.08
C TYR C 202 36.80 -5.62 21.85
N ILE C 203 36.01 -6.02 20.86
CA ILE C 203 36.49 -6.61 19.62
C ILE C 203 35.95 -5.79 18.45
N CYS C 204 36.86 -5.31 17.60
CA CYS C 204 36.45 -4.61 16.39
C CYS C 204 36.39 -5.57 15.22
N ASN C 205 35.35 -5.43 14.41
CA ASN C 205 35.09 -6.34 13.29
C ASN C 205 35.26 -5.55 12.00
N VAL C 206 36.34 -5.85 11.27
CA VAL C 206 36.67 -5.16 10.04
C VAL C 206 36.31 -6.08 8.87
N ASN C 207 35.46 -5.58 7.96
CA ASN C 207 35.02 -6.33 6.79
C ASN C 207 35.27 -5.48 5.55
N HIS C 208 36.19 -5.93 4.71
CA HIS C 208 36.51 -5.27 3.45
C HIS C 208 36.02 -6.18 2.32
N LYS C 209 34.80 -5.90 1.84
CA LYS C 209 34.18 -6.78 0.86
C LYS C 209 34.91 -6.85 -0.48
N PRO C 210 35.46 -5.76 -1.04
CA PRO C 210 36.16 -5.89 -2.33
C PRO C 210 37.30 -6.89 -2.32
N SER C 211 37.91 -7.14 -1.17
CA SER C 211 38.96 -8.14 -1.05
C SER C 211 38.51 -9.39 -0.31
N ASN C 212 37.27 -9.43 0.15
CA ASN C 212 36.74 -10.54 0.94
C ASN C 212 37.63 -10.80 2.16
N THR C 213 37.80 -9.75 2.96
CA THR C 213 38.68 -9.77 4.13
C THR C 213 37.85 -9.46 5.37
N LYS C 214 37.65 -10.47 6.21
CA LYS C 214 37.00 -10.30 7.50
C LYS C 214 38.04 -10.50 8.60
N VAL C 215 38.16 -9.52 9.49
CA VAL C 215 39.17 -9.56 10.54
C VAL C 215 38.51 -9.16 11.86
N ASP C 216 38.80 -9.90 12.92
CA ASP C 216 38.37 -9.58 14.27
C ASP C 216 39.59 -9.36 15.14
N LYS C 217 39.62 -8.26 15.87
CA LYS C 217 40.75 -7.89 16.71
C LYS C 217 40.26 -7.58 18.11
N LYS C 218 40.81 -8.27 19.10
CA LYS C 218 40.51 -8.00 20.50
C LYS C 218 41.46 -6.90 21.00
N VAL C 219 40.88 -5.83 21.53
CA VAL C 219 41.64 -4.67 21.98
C VAL C 219 41.70 -4.73 23.50
N GLU C 220 42.84 -5.14 24.02
CA GLU C 220 43.10 -5.27 25.44
C GLU C 220 43.96 -4.10 25.95
N PRO C 221 43.86 -3.77 27.22
CA PRO C 221 44.65 -2.66 27.77
C PRO C 221 46.14 -2.98 27.79
N LYS C 222 46.93 -1.92 27.95
CA LYS C 222 48.37 -2.05 28.01
C LYS C 222 48.90 -1.16 29.13
N SER C 223 50.09 -1.51 29.64
CA SER C 223 50.62 -0.90 30.85
C SER C 223 50.88 0.60 30.69
N CYS C 224 51.20 1.05 29.48
CA CYS C 224 51.55 2.46 29.22
C CYS C 224 50.57 3.44 29.85
N ASP D 3 -0.51 -2.42 -7.04
CA ASP D 3 -1.18 -3.30 -6.11
C ASP D 3 -1.24 -4.73 -6.66
N ILE D 4 -1.51 -5.69 -5.79
CA ILE D 4 -1.55 -7.09 -6.22
C ILE D 4 -2.77 -7.31 -7.11
N VAL D 5 -2.56 -8.02 -8.22
CA VAL D 5 -3.62 -8.30 -9.18
C VAL D 5 -4.08 -9.74 -8.96
N MET D 6 -5.37 -9.92 -8.71
CA MET D 6 -5.95 -11.23 -8.50
C MET D 6 -6.70 -11.67 -9.75
N THR D 7 -6.39 -12.87 -10.24
CA THR D 7 -7.04 -13.44 -11.41
C THR D 7 -7.76 -14.72 -11.00
N GLN D 8 -9.06 -14.78 -11.24
CA GLN D 8 -9.89 -15.92 -10.89
C GLN D 8 -10.29 -16.65 -12.14
N THR D 9 -10.05 -17.97 -12.17
CA THR D 9 -10.46 -18.82 -13.27
C THR D 9 -11.20 -20.02 -12.71
N PRO D 10 -12.36 -20.40 -13.30
CA PRO D 10 -12.95 -19.70 -14.44
C PRO D 10 -13.77 -18.48 -14.01
N LEU D 11 -14.34 -17.77 -14.99
CA LEU D 11 -15.20 -16.64 -14.66
C LEU D 11 -16.59 -17.08 -14.25
N SER D 12 -17.13 -18.10 -14.91
CA SER D 12 -18.41 -18.68 -14.56
C SER D 12 -18.26 -20.20 -14.49
N LEU D 13 -19.08 -20.82 -13.65
CA LEU D 13 -18.96 -22.26 -13.42
C LEU D 13 -20.34 -22.85 -13.14
N SER D 14 -20.59 -24.02 -13.71
CA SER D 14 -21.85 -24.73 -13.54
C SER D 14 -21.56 -26.16 -13.13
N VAL D 15 -21.99 -26.52 -11.93
CA VAL D 15 -21.69 -27.83 -11.35
C VAL D 15 -22.99 -28.49 -10.95
N THR D 16 -23.07 -29.80 -11.17
CA THR D 16 -24.24 -30.58 -10.77
C THR D 16 -24.23 -30.81 -9.26
N ILE D 17 -25.42 -31.00 -8.70
CA ILE D 17 -25.53 -31.25 -7.27
C ILE D 17 -24.82 -32.55 -6.92
N GLY D 18 -24.04 -32.52 -5.84
CA GLY D 18 -23.29 -33.67 -5.41
C GLY D 18 -21.94 -33.84 -6.08
N GLN D 19 -21.65 -33.08 -7.14
CA GLN D 19 -20.39 -33.15 -7.85
C GLN D 19 -19.41 -32.12 -7.31
N PRO D 20 -18.11 -32.40 -7.38
CA PRO D 20 -17.13 -31.46 -6.86
C PRO D 20 -17.02 -30.22 -7.72
N ALA D 21 -16.54 -29.14 -7.11
CA ALA D 21 -16.29 -27.89 -7.80
C ALA D 21 -14.92 -27.36 -7.41
N SER D 22 -14.37 -26.48 -8.23
CA SER D 22 -13.04 -25.96 -8.00
C SER D 22 -12.92 -24.57 -8.60
N ILE D 23 -12.49 -23.61 -7.78
CA ILE D 23 -12.25 -22.24 -8.21
C ILE D 23 -10.79 -21.92 -7.95
N SER D 24 -10.15 -21.28 -8.93
CA SER D 24 -8.74 -20.93 -8.85
C SER D 24 -8.56 -19.42 -8.74
N CYS D 25 -7.47 -19.02 -8.10
CA CYS D 25 -7.14 -17.61 -7.93
C CYS D 25 -5.62 -17.48 -7.97
N LYS D 26 -5.13 -16.58 -8.83
CA LYS D 26 -3.70 -16.38 -9.01
C LYS D 26 -3.34 -14.93 -8.75
N SER D 27 -2.26 -14.72 -8.00
CA SER D 27 -1.81 -13.39 -7.63
C SER D 27 -0.55 -13.03 -8.41
N SER D 28 -0.35 -11.72 -8.60
CA SER D 28 0.81 -11.25 -9.35
C SER D 28 2.11 -11.46 -8.58
N GLN D 29 2.07 -11.34 -7.26
CA GLN D 29 3.24 -11.55 -6.42
C GLN D 29 2.94 -12.60 -5.36
N SER D 30 4.00 -13.16 -4.79
CA SER D 30 3.85 -14.12 -3.71
C SER D 30 3.23 -13.48 -2.48
N LEU D 31 2.18 -14.11 -1.95
CA LEU D 31 1.44 -13.58 -0.81
C LEU D 31 2.05 -13.99 0.52
N LEU D 32 3.21 -14.63 0.52
CA LEU D 32 3.87 -14.97 1.77
C LEU D 32 4.41 -13.70 2.44
N HIS D 33 4.10 -13.52 3.72
CA HIS D 33 4.48 -12.34 4.46
C HIS D 33 5.77 -12.58 5.25
N SER D 34 6.31 -11.50 5.80
CA SER D 34 7.54 -11.59 6.58
C SER D 34 7.39 -12.51 7.78
N ASN D 35 6.19 -12.54 8.38
CA ASN D 35 5.95 -13.39 9.54
C ASN D 35 5.64 -14.84 9.16
N GLY D 36 5.63 -15.15 7.87
CA GLY D 36 5.43 -16.52 7.41
C GLY D 36 4.00 -16.90 7.10
N LYS D 37 3.04 -16.01 7.31
CA LYS D 37 1.64 -16.29 7.03
C LYS D 37 1.25 -15.79 5.65
N THR D 38 0.40 -16.56 4.98
CA THR D 38 -0.10 -16.22 3.65
C THR D 38 -1.54 -15.72 3.80
N TYR D 39 -1.73 -14.40 3.72
CA TYR D 39 -3.03 -13.78 3.96
C TYR D 39 -3.86 -13.81 2.68
N LEU D 40 -4.51 -14.96 2.44
CA LEU D 40 -5.47 -15.09 1.36
C LEU D 40 -6.82 -15.47 1.95
N ASN D 41 -7.89 -14.81 1.48
CA ASN D 41 -9.23 -15.02 1.98
C ASN D 41 -10.17 -15.34 0.83
N TRP D 42 -11.11 -16.25 1.08
CA TRP D 42 -12.15 -16.60 0.12
C TRP D 42 -13.49 -16.13 0.66
N LEU D 43 -14.24 -15.41 -0.18
CA LEU D 43 -15.54 -14.88 0.20
C LEU D 43 -16.62 -15.51 -0.67
N GLN D 44 -17.82 -15.62 -0.11
CA GLN D 44 -19.01 -16.07 -0.84
C GLN D 44 -20.12 -15.07 -0.61
N GLN D 45 -20.77 -14.64 -1.68
CA GLN D 45 -21.89 -13.70 -1.60
C GLN D 45 -23.08 -14.33 -2.32
N ARG D 46 -24.01 -14.87 -1.54
CA ARG D 46 -25.26 -15.32 -2.13
C ARG D 46 -26.10 -14.12 -2.56
N PRO D 47 -26.91 -14.26 -3.61
CA PRO D 47 -27.72 -13.14 -4.06
C PRO D 47 -28.66 -12.64 -2.96
N GLY D 48 -28.71 -11.33 -2.79
CA GLY D 48 -29.52 -10.71 -1.77
C GLY D 48 -28.95 -10.77 -0.37
N GLN D 49 -27.67 -11.13 -0.22
CA GLN D 49 -27.03 -11.18 1.08
C GLN D 49 -25.68 -10.48 1.01
N ALA D 50 -25.11 -10.22 2.18
CA ALA D 50 -23.79 -9.62 2.25
C ALA D 50 -22.73 -10.71 2.09
N PRO D 51 -21.52 -10.33 1.68
CA PRO D 51 -20.43 -11.31 1.60
C PRO D 51 -20.11 -11.89 2.97
N LYS D 52 -19.60 -13.12 2.96
CA LYS D 52 -19.16 -13.78 4.18
C LYS D 52 -17.88 -14.56 3.85
N ILE D 53 -16.88 -14.43 4.72
CA ILE D 53 -15.61 -15.10 4.47
C ILE D 53 -15.76 -16.59 4.75
N LEU D 54 -15.37 -17.41 3.78
CA LEU D 54 -15.39 -18.86 3.94
C LEU D 54 -14.10 -19.38 4.54
N MET D 55 -12.96 -18.96 3.99
CA MET D 55 -11.66 -19.42 4.45
C MET D 55 -10.72 -18.23 4.63
N TYR D 56 -9.80 -18.37 5.56
CA TYR D 56 -8.76 -17.38 5.81
C TYR D 56 -7.43 -18.09 5.98
N LEU D 57 -6.35 -17.39 5.66
CA LEU D 57 -5.01 -17.98 5.65
C LEU D 57 -4.98 -19.25 4.80
N VAL D 58 -5.49 -19.13 3.58
CA VAL D 58 -5.46 -20.17 2.56
C VAL D 58 -6.37 -21.35 2.92
N SER D 59 -6.15 -21.96 4.09
CA SER D 59 -6.76 -23.24 4.40
C SER D 59 -7.62 -23.28 5.66
N LYS D 60 -7.61 -22.24 6.48
CA LYS D 60 -8.37 -22.28 7.73
C LYS D 60 -9.82 -21.91 7.46
N LEU D 61 -10.74 -22.80 7.82
CA LEU D 61 -12.16 -22.57 7.61
C LEU D 61 -12.76 -21.77 8.76
N ASP D 62 -13.79 -20.99 8.43
CA ASP D 62 -14.60 -20.35 9.45
C ASP D 62 -15.43 -21.41 10.16
N PRO D 63 -15.60 -21.30 11.48
CA PRO D 63 -16.33 -22.36 12.22
C PRO D 63 -17.75 -22.58 11.73
N GLY D 64 -18.39 -21.58 11.14
CA GLY D 64 -19.74 -21.75 10.61
C GLY D 64 -19.81 -22.42 9.27
N ILE D 65 -18.67 -22.61 8.60
CA ILE D 65 -18.64 -23.17 7.25
C ILE D 65 -18.54 -24.69 7.33
N PRO D 66 -19.33 -25.42 6.53
CA PRO D 66 -19.24 -26.89 6.57
C PRO D 66 -17.91 -27.39 6.01
N ASP D 67 -17.65 -28.67 6.25
CA ASP D 67 -16.36 -29.27 5.89
C ASP D 67 -16.22 -29.53 4.40
N ARG D 68 -17.29 -29.38 3.61
CA ARG D 68 -17.17 -29.64 2.18
C ARG D 68 -16.33 -28.59 1.46
N PHE D 69 -16.13 -27.43 2.09
CA PHE D 69 -15.24 -26.41 1.55
C PHE D 69 -13.82 -26.68 2.00
N SER D 70 -12.88 -26.61 1.05
CA SER D 70 -11.47 -26.78 1.34
C SER D 70 -10.66 -25.83 0.47
N GLY D 71 -9.47 -25.49 0.94
CA GLY D 71 -8.61 -24.57 0.23
C GLY D 71 -7.16 -24.99 0.22
N SER D 72 -6.56 -25.03 -0.96
CA SER D 72 -5.16 -25.46 -1.11
C SER D 72 -4.50 -24.58 -2.15
N GLY D 73 -3.40 -23.94 -1.77
CA GLY D 73 -2.67 -23.09 -2.69
C GLY D 73 -1.25 -22.86 -2.23
N SER D 74 -0.41 -22.46 -3.17
CA SER D 74 0.97 -22.11 -2.85
C SER D 74 1.09 -20.61 -2.62
N GLU D 75 2.28 -20.05 -2.89
CA GLU D 75 2.49 -18.63 -2.64
C GLU D 75 1.74 -17.76 -3.64
N THR D 76 1.66 -18.20 -4.90
CA THR D 76 1.08 -17.38 -5.97
C THR D 76 -0.23 -17.90 -6.52
N ASP D 77 -0.47 -19.22 -6.48
CA ASP D 77 -1.67 -19.82 -7.04
C ASP D 77 -2.47 -20.49 -5.93
N PHE D 78 -3.79 -20.35 -5.98
CA PHE D 78 -4.67 -20.84 -4.94
C PHE D 78 -5.87 -21.53 -5.56
N THR D 79 -6.47 -22.45 -4.81
CA THR D 79 -7.61 -23.22 -5.29
C THR D 79 -8.62 -23.40 -4.17
N LEU D 80 -9.88 -23.10 -4.46
CA LEU D 80 -10.98 -23.35 -3.55
C LEU D 80 -11.79 -24.53 -4.10
N LYS D 81 -11.93 -25.58 -3.30
CA LYS D 81 -12.61 -26.79 -3.72
C LYS D 81 -13.82 -27.06 -2.84
N ILE D 82 -14.88 -27.55 -3.46
CA ILE D 82 -16.07 -28.02 -2.76
C ILE D 82 -16.21 -29.51 -3.05
N SER D 83 -16.26 -30.32 -1.99
CA SER D 83 -16.32 -31.76 -2.15
C SER D 83 -17.63 -32.19 -2.83
N ARG D 84 -18.76 -31.91 -2.19
CA ARG D 84 -20.07 -32.21 -2.73
C ARG D 84 -20.90 -30.93 -2.75
N VAL D 85 -21.14 -30.40 -3.94
CA VAL D 85 -21.86 -29.14 -4.07
C VAL D 85 -23.32 -29.33 -3.67
N GLU D 86 -23.82 -28.44 -2.82
CA GLU D 86 -25.21 -28.41 -2.42
C GLU D 86 -25.88 -27.17 -2.99
N ALA D 87 -27.21 -27.11 -2.86
CA ALA D 87 -27.97 -26.04 -3.49
C ALA D 87 -27.61 -24.68 -2.92
N GLU D 88 -27.32 -24.61 -1.61
CA GLU D 88 -27.01 -23.35 -0.95
C GLU D 88 -25.64 -22.80 -1.33
N ASP D 89 -24.86 -23.52 -2.13
CA ASP D 89 -23.51 -23.12 -2.48
C ASP D 89 -23.48 -22.17 -3.69
N LEU D 90 -24.62 -21.69 -4.15
CA LEU D 90 -24.62 -20.75 -5.27
C LEU D 90 -24.05 -19.40 -4.84
N GLY D 91 -23.88 -18.52 -5.81
CA GLY D 91 -23.41 -17.17 -5.57
C GLY D 91 -22.06 -16.94 -6.23
N VAL D 92 -21.49 -15.78 -5.93
CA VAL D 92 -20.22 -15.35 -6.49
C VAL D 92 -19.14 -15.49 -5.44
N TYR D 93 -18.00 -16.04 -5.85
CA TYR D 93 -16.86 -16.27 -4.95
C TYR D 93 -15.73 -15.33 -5.34
N TYR D 94 -15.19 -14.62 -4.35
CA TYR D 94 -14.06 -13.72 -4.54
C TYR D 94 -12.90 -14.19 -3.69
N CYS D 95 -11.69 -14.09 -4.22
CA CYS D 95 -10.50 -14.20 -3.39
C CYS D 95 -10.05 -12.80 -2.98
N LEU D 96 -9.38 -12.73 -1.83
CA LEU D 96 -8.99 -11.45 -1.26
C LEU D 96 -7.65 -11.62 -0.57
N GLN D 97 -6.65 -10.86 -0.99
CA GLN D 97 -5.33 -10.91 -0.38
C GLN D 97 -5.23 -9.85 0.71
N GLY D 98 -4.55 -10.21 1.79
CA GLY D 98 -4.38 -9.30 2.90
C GLY D 98 -2.91 -9.13 3.27
N THR D 99 -2.03 -9.51 2.34
CA THR D 99 -0.60 -9.46 2.60
C THR D 99 -0.04 -8.06 2.34
N TYR D 100 -0.32 -7.50 1.17
CA TYR D 100 0.27 -6.22 0.75
C TYR D 100 -0.80 -5.15 0.71
N TYR D 101 -0.49 -3.99 1.29
CA TYR D 101 -1.41 -2.87 1.25
C TYR D 101 -1.59 -2.37 -0.17
N PRO D 102 -2.83 -2.08 -0.60
CA PRO D 102 -4.07 -2.26 0.15
C PRO D 102 -4.74 -3.61 -0.15
N PHE D 103 -5.84 -3.90 0.55
CA PHE D 103 -6.61 -5.09 0.21
C PHE D 103 -7.08 -5.02 -1.23
N THR D 104 -7.05 -6.16 -1.91
CA THR D 104 -7.52 -6.26 -3.28
C THR D 104 -8.30 -7.55 -3.45
N PHE D 105 -9.44 -7.45 -4.14
CA PHE D 105 -10.30 -8.59 -4.44
C PHE D 105 -10.05 -9.08 -5.86
N GLY D 106 -10.56 -10.28 -6.15
CA GLY D 106 -10.57 -10.80 -7.49
C GLY D 106 -11.81 -10.36 -8.25
N SER D 107 -11.88 -10.81 -9.52
CA SER D 107 -13.03 -10.47 -10.33
C SER D 107 -14.30 -11.14 -9.84
N GLY D 108 -14.18 -12.34 -9.30
CA GLY D 108 -15.34 -13.09 -8.85
C GLY D 108 -15.66 -14.22 -9.81
N THR D 109 -16.23 -15.30 -9.26
CA THR D 109 -16.60 -16.48 -10.03
C THR D 109 -18.05 -16.82 -9.70
N LYS D 110 -18.94 -16.63 -10.66
CA LYS D 110 -20.35 -16.95 -10.46
C LYS D 110 -20.54 -18.45 -10.60
N LEU D 111 -21.14 -19.06 -9.57
CA LEU D 111 -21.36 -20.51 -9.53
C LEU D 111 -22.85 -20.78 -9.67
N GLU D 112 -23.21 -21.51 -10.72
CA GLU D 112 -24.58 -21.97 -10.91
C GLU D 112 -24.70 -23.43 -10.49
N ILE D 113 -25.81 -23.76 -9.86
CA ILE D 113 -26.09 -25.14 -9.44
C ILE D 113 -26.87 -25.81 -10.55
N LYS D 114 -26.33 -26.90 -11.08
CA LYS D 114 -26.96 -27.64 -12.17
C LYS D 114 -27.86 -28.72 -11.60
N ARG D 115 -29.15 -28.68 -11.93
CA ARG D 115 -30.14 -29.62 -11.45
C ARG D 115 -30.92 -30.20 -12.63
N THR D 116 -31.80 -31.14 -12.34
CA THR D 116 -32.60 -31.78 -13.37
C THR D 116 -33.52 -30.77 -14.05
N VAL D 117 -33.88 -31.07 -15.29
CA VAL D 117 -34.72 -30.17 -16.08
C VAL D 117 -36.12 -30.12 -15.46
N ALA D 118 -36.62 -28.91 -15.25
CA ALA D 118 -37.96 -28.69 -14.72
C ALA D 118 -38.70 -27.73 -15.64
N ALA D 119 -39.92 -28.12 -16.02
CA ALA D 119 -40.75 -27.28 -16.87
C ALA D 119 -41.38 -26.16 -16.04
N PRO D 120 -41.53 -24.97 -16.61
CA PRO D 120 -42.11 -23.85 -15.85
C PRO D 120 -43.62 -23.94 -15.74
N SER D 121 -44.14 -23.41 -14.64
CA SER D 121 -45.56 -23.20 -14.47
C SER D 121 -45.91 -21.79 -14.95
N VAL D 122 -46.92 -21.69 -15.81
CA VAL D 122 -47.25 -20.44 -16.49
C VAL D 122 -48.52 -19.87 -15.87
N PHE D 123 -48.43 -18.64 -15.37
CA PHE D 123 -49.56 -17.90 -14.86
C PHE D 123 -49.68 -16.58 -15.60
N ILE D 124 -50.90 -16.04 -15.66
CA ILE D 124 -51.14 -14.75 -16.28
C ILE D 124 -52.07 -13.94 -15.40
N PHE D 125 -51.82 -12.63 -15.33
CA PHE D 125 -52.60 -11.74 -14.49
C PHE D 125 -53.16 -10.60 -15.33
N PRO D 126 -54.47 -10.48 -15.49
CA PRO D 126 -55.04 -9.32 -16.16
C PRO D 126 -54.75 -8.05 -15.37
N PRO D 127 -54.79 -6.89 -16.01
CA PRO D 127 -54.49 -5.65 -15.29
C PRO D 127 -55.55 -5.34 -14.25
N SER D 128 -55.09 -4.72 -13.16
CA SER D 128 -55.98 -4.38 -12.06
C SER D 128 -56.88 -3.21 -12.44
N ASP D 129 -58.08 -3.18 -11.83
CA ASP D 129 -59.00 -2.08 -12.09
C ASP D 129 -58.46 -0.74 -11.59
N GLU D 130 -57.68 -0.76 -10.51
CA GLU D 130 -57.08 0.48 -10.01
C GLU D 130 -56.11 1.06 -11.02
N GLN D 131 -55.36 0.19 -11.72
CA GLN D 131 -54.45 0.68 -12.75
C GLN D 131 -55.19 1.14 -13.99
N LEU D 132 -56.35 0.53 -14.28
CA LEU D 132 -57.13 0.94 -15.44
C LEU D 132 -57.70 2.34 -15.28
N LYS D 133 -57.97 2.76 -14.04
CA LYS D 133 -58.44 4.12 -13.82
C LYS D 133 -57.35 5.15 -14.08
N SER D 134 -56.08 4.76 -13.95
CA SER D 134 -54.97 5.66 -14.20
C SER D 134 -54.71 5.89 -15.68
N GLY D 135 -55.12 4.96 -16.54
CA GLY D 135 -54.95 5.10 -17.98
C GLY D 135 -53.97 4.14 -18.61
N THR D 136 -53.39 3.22 -17.83
CA THR D 136 -52.47 2.24 -18.35
C THR D 136 -52.94 0.85 -17.96
N ALA D 137 -52.44 -0.16 -18.67
CA ALA D 137 -52.81 -1.55 -18.42
C ALA D 137 -51.57 -2.41 -18.59
N SER D 138 -51.17 -3.07 -17.50
CA SER D 138 -50.01 -3.97 -17.51
C SER D 138 -50.50 -5.40 -17.33
N VAL D 139 -50.23 -6.24 -18.31
CA VAL D 139 -50.58 -7.65 -18.27
C VAL D 139 -49.32 -8.44 -17.97
N VAL D 140 -49.34 -9.20 -16.88
CA VAL D 140 -48.17 -9.94 -16.40
C VAL D 140 -48.31 -11.40 -16.77
N CYS D 141 -47.23 -11.98 -17.27
CA CYS D 141 -47.12 -13.41 -17.55
C CYS D 141 -45.98 -13.95 -16.70
N LEU D 142 -46.26 -14.99 -15.92
CA LEU D 142 -45.33 -15.48 -14.91
C LEU D 142 -44.89 -16.90 -15.24
N LEU D 143 -43.58 -17.10 -15.25
CA LEU D 143 -42.96 -18.42 -15.36
C LEU D 143 -42.28 -18.72 -14.03
N ASN D 144 -42.62 -19.86 -13.43
CA ASN D 144 -42.19 -20.15 -12.08
C ASN D 144 -41.49 -21.50 -12.01
N ASN D 145 -40.36 -21.53 -11.31
CA ASN D 145 -39.68 -22.76 -10.91
C ASN D 145 -39.34 -23.64 -12.12
N PHE D 146 -38.48 -23.11 -12.99
CA PHE D 146 -37.98 -23.87 -14.13
C PHE D 146 -36.46 -23.90 -14.12
N TYR D 147 -35.91 -24.85 -14.89
CA TYR D 147 -34.47 -24.96 -15.09
C TYR D 147 -34.23 -25.69 -16.39
N PRO D 148 -33.26 -25.25 -17.22
CA PRO D 148 -32.38 -24.10 -17.01
C PRO D 148 -33.06 -22.76 -17.30
N ARG D 149 -32.33 -21.66 -17.14
CA ARG D 149 -32.91 -20.33 -17.23
C ARG D 149 -33.28 -19.93 -18.66
N GLU D 150 -32.83 -20.66 -19.66
CA GLU D 150 -33.16 -20.33 -21.04
C GLU D 150 -34.64 -20.59 -21.28
N ALA D 151 -35.41 -19.51 -21.47
CA ALA D 151 -36.84 -19.61 -21.74
C ALA D 151 -37.24 -18.51 -22.70
N LYS D 152 -38.32 -18.75 -23.43
CA LYS D 152 -38.81 -17.83 -24.45
C LYS D 152 -40.27 -17.52 -24.20
N VAL D 153 -40.60 -16.23 -24.15
CA VAL D 153 -41.97 -15.76 -23.96
C VAL D 153 -42.33 -14.84 -25.12
N GLN D 154 -43.50 -15.05 -25.70
CA GLN D 154 -43.98 -14.22 -26.79
C GLN D 154 -45.45 -13.89 -26.57
N TRP D 155 -45.81 -12.63 -26.78
CA TRP D 155 -47.16 -12.17 -26.57
C TRP D 155 -47.97 -12.21 -27.87
N LYS D 156 -49.23 -12.59 -27.76
CA LYS D 156 -50.16 -12.60 -28.88
C LYS D 156 -51.46 -11.95 -28.44
N VAL D 157 -51.83 -10.85 -29.10
CA VAL D 157 -53.09 -10.16 -28.86
C VAL D 157 -54.00 -10.43 -30.05
N ASP D 158 -55.03 -11.24 -29.82
CA ASP D 158 -55.93 -11.70 -30.88
C ASP D 158 -55.15 -12.40 -32.00
N ASN D 159 -54.32 -13.36 -31.59
CA ASN D 159 -53.49 -14.15 -32.49
C ASN D 159 -52.50 -13.30 -33.29
N ALA D 160 -52.26 -12.07 -32.86
CA ALA D 160 -51.31 -11.18 -33.51
C ALA D 160 -50.07 -11.05 -32.63
N LEU D 161 -48.92 -11.47 -33.16
CA LEU D 161 -47.68 -11.46 -32.40
C LEU D 161 -47.25 -10.03 -32.09
N GLN D 162 -46.88 -9.79 -30.84
CA GLN D 162 -46.46 -8.47 -30.38
C GLN D 162 -44.94 -8.35 -30.37
N SER D 163 -44.46 -7.11 -30.36
CA SER D 163 -43.05 -6.82 -30.26
C SER D 163 -42.87 -5.36 -29.90
N GLY D 164 -41.91 -5.07 -29.03
CA GLY D 164 -41.56 -3.71 -28.70
C GLY D 164 -42.34 -3.08 -27.57
N ASN D 165 -43.25 -3.81 -26.93
CA ASN D 165 -44.10 -3.25 -25.89
C ASN D 165 -44.11 -4.12 -24.62
N SER D 166 -43.11 -4.97 -24.45
CA SER D 166 -43.03 -5.84 -23.28
C SER D 166 -41.62 -5.80 -22.70
N GLN D 167 -41.53 -6.06 -21.40
CA GLN D 167 -40.26 -6.18 -20.69
C GLN D 167 -40.31 -7.41 -19.80
N GLU D 168 -39.17 -8.09 -19.67
CA GLU D 168 -39.09 -9.31 -18.90
C GLU D 168 -37.89 -9.27 -17.97
N SER D 169 -38.00 -10.01 -16.87
CA SER D 169 -36.94 -10.09 -15.87
C SER D 169 -36.94 -11.49 -15.27
N VAL D 170 -35.74 -12.06 -15.11
CA VAL D 170 -35.55 -13.39 -14.53
C VAL D 170 -35.00 -13.22 -13.13
N THR D 171 -35.47 -14.06 -12.20
CA THR D 171 -34.94 -14.04 -10.85
C THR D 171 -33.53 -14.62 -10.81
N GLU D 172 -32.89 -14.47 -9.66
CA GLU D 172 -31.68 -15.22 -9.39
C GLU D 172 -32.04 -16.68 -9.10
N GLN D 173 -31.03 -17.54 -9.13
CA GLN D 173 -31.25 -18.95 -8.86
C GLN D 173 -31.66 -19.15 -7.40
N ASP D 174 -32.66 -20.00 -7.19
CA ASP D 174 -33.15 -20.24 -5.85
C ASP D 174 -32.11 -20.99 -5.02
N SER D 175 -31.95 -20.56 -3.77
CA SER D 175 -30.97 -21.20 -2.89
C SER D 175 -31.39 -22.58 -2.44
N LYS D 176 -32.66 -22.96 -2.63
CA LYS D 176 -33.17 -24.24 -2.16
C LYS D 176 -33.39 -25.23 -3.31
N ASP D 177 -34.23 -24.87 -4.30
CA ASP D 177 -34.55 -25.77 -5.38
C ASP D 177 -33.73 -25.53 -6.64
N SER D 178 -32.85 -24.52 -6.64
CA SER D 178 -31.92 -24.25 -7.73
C SER D 178 -32.61 -23.96 -9.05
N THR D 179 -33.82 -23.39 -8.99
CA THR D 179 -34.57 -23.05 -10.19
C THR D 179 -34.59 -21.54 -10.40
N TYR D 180 -35.21 -21.12 -11.49
CA TYR D 180 -35.36 -19.73 -11.85
C TYR D 180 -36.84 -19.41 -12.02
N SER D 181 -37.16 -18.12 -11.98
CA SER D 181 -38.50 -17.64 -12.29
C SER D 181 -38.39 -16.44 -13.22
N LEU D 182 -39.42 -16.25 -14.05
CA LEU D 182 -39.40 -15.22 -15.06
C LEU D 182 -40.76 -14.54 -15.13
N SER D 183 -40.75 -13.22 -15.13
CA SER D 183 -41.95 -12.42 -15.35
C SER D 183 -41.81 -11.66 -16.66
N SER D 184 -42.90 -11.57 -17.41
CA SER D 184 -42.95 -10.80 -18.64
C SER D 184 -44.14 -9.85 -18.57
N THR D 185 -43.88 -8.55 -18.61
CA THR D 185 -44.90 -7.55 -18.45
C THR D 185 -45.20 -6.89 -19.80
N LEU D 186 -46.45 -6.98 -20.23
CA LEU D 186 -46.93 -6.31 -21.43
C LEU D 186 -47.68 -5.06 -20.99
N THR D 187 -47.15 -3.90 -21.35
CA THR D 187 -47.72 -2.62 -20.92
C THR D 187 -48.40 -1.95 -22.10
N LEU D 188 -49.62 -1.47 -21.86
CA LEU D 188 -50.40 -0.78 -22.89
C LEU D 188 -51.16 0.37 -22.23
N SER D 189 -51.70 1.24 -23.07
CA SER D 189 -52.58 2.29 -22.59
C SER D 189 -53.99 1.74 -22.38
N LYS D 190 -54.79 2.49 -21.62
CA LYS D 190 -56.19 2.12 -21.45
C LYS D 190 -56.91 2.11 -22.79
N ALA D 191 -56.55 3.03 -23.68
CA ALA D 191 -57.14 3.04 -25.01
C ALA D 191 -56.76 1.80 -25.80
N ASP D 192 -55.45 1.49 -25.85
CA ASP D 192 -55.00 0.32 -26.61
C ASP D 192 -55.52 -0.98 -26.01
N TYR D 193 -55.69 -1.03 -24.68
CA TYR D 193 -56.11 -2.27 -24.04
C TYR D 193 -57.57 -2.58 -24.30
N GLU D 194 -58.45 -1.57 -24.25
CA GLU D 194 -59.87 -1.80 -24.46
C GLU D 194 -60.22 -2.09 -25.90
N LYS D 195 -59.28 -1.92 -26.84
CA LYS D 195 -59.55 -2.20 -28.24
C LYS D 195 -59.57 -3.68 -28.57
N HIS D 196 -59.02 -4.52 -27.71
CA HIS D 196 -58.89 -5.95 -27.98
C HIS D 196 -59.52 -6.75 -26.85
N LYS D 197 -59.65 -8.05 -27.08
CA LYS D 197 -60.33 -8.93 -26.12
C LYS D 197 -59.49 -10.10 -25.66
N VAL D 198 -58.69 -10.71 -26.54
CA VAL D 198 -57.92 -11.91 -26.22
C VAL D 198 -56.47 -11.53 -26.02
N TYR D 199 -55.94 -11.81 -24.83
CA TYR D 199 -54.54 -11.56 -24.50
C TYR D 199 -53.92 -12.87 -24.03
N ALA D 200 -52.77 -13.22 -24.62
CA ALA D 200 -52.14 -14.49 -24.32
C ALA D 200 -50.63 -14.35 -24.37
N CYS D 201 -49.95 -15.19 -23.58
CA CYS D 201 -48.51 -15.33 -23.65
C CYS D 201 -48.19 -16.79 -23.94
N GLU D 202 -47.31 -17.00 -24.92
CA GLU D 202 -46.89 -18.33 -25.35
C GLU D 202 -45.48 -18.58 -24.83
N VAL D 203 -45.28 -19.73 -24.19
CA VAL D 203 -44.06 -20.03 -23.46
C VAL D 203 -43.37 -21.22 -24.10
N THR D 204 -42.08 -21.08 -24.38
CA THR D 204 -41.24 -22.15 -24.90
C THR D 204 -40.09 -22.39 -23.94
N HIS D 205 -39.88 -23.65 -23.57
CA HIS D 205 -38.81 -24.00 -22.63
C HIS D 205 -38.30 -25.39 -22.96
N GLN D 206 -37.07 -25.64 -22.51
CA GLN D 206 -36.44 -26.94 -22.76
C GLN D 206 -37.26 -28.08 -22.18
N GLY D 207 -37.90 -27.87 -21.03
CA GLY D 207 -38.70 -28.90 -20.40
C GLY D 207 -40.10 -29.05 -20.95
N LEU D 208 -40.44 -28.35 -22.03
CA LEU D 208 -41.75 -28.44 -22.67
C LEU D 208 -41.57 -28.95 -24.09
N SER D 209 -42.47 -29.85 -24.50
CA SER D 209 -42.41 -30.39 -25.85
C SER D 209 -43.00 -29.41 -26.86
N SER D 210 -44.17 -28.85 -26.55
CA SER D 210 -44.83 -27.87 -27.37
C SER D 210 -45.00 -26.57 -26.58
N PRO D 211 -45.18 -25.44 -27.27
CA PRO D 211 -45.38 -24.18 -26.55
C PRO D 211 -46.67 -24.19 -25.73
N VAL D 212 -46.59 -23.63 -24.53
CA VAL D 212 -47.73 -23.51 -23.63
C VAL D 212 -48.31 -22.10 -23.77
N THR D 213 -49.63 -22.00 -23.76
CA THR D 213 -50.33 -20.74 -24.00
C THR D 213 -51.34 -20.51 -22.89
N LYS D 214 -51.11 -19.50 -22.07
CA LYS D 214 -52.10 -19.00 -21.11
C LYS D 214 -52.77 -17.76 -21.69
N SER D 215 -54.10 -17.78 -21.73
CA SER D 215 -54.86 -16.71 -22.34
C SER D 215 -56.04 -16.33 -21.45
N PHE D 216 -56.59 -15.13 -21.69
CA PHE D 216 -57.78 -14.68 -21.02
C PHE D 216 -58.51 -13.69 -21.90
N ASN D 217 -59.78 -13.47 -21.58
CA ASN D 217 -60.63 -12.51 -22.29
C ASN D 217 -60.87 -11.31 -21.39
N ARG D 218 -60.74 -10.11 -21.96
CA ARG D 218 -60.92 -8.89 -21.19
C ARG D 218 -62.34 -8.76 -20.68
N GLY D 219 -62.48 -8.68 -19.36
CA GLY D 219 -63.75 -8.49 -18.69
C GLY D 219 -64.28 -9.72 -17.95
N GLU D 220 -63.76 -10.90 -18.27
CA GLU D 220 -64.19 -12.12 -17.58
C GLU D 220 -63.72 -12.13 -16.13
N GLN E 3 -25.33 -8.13 13.51
CA GLN E 3 -24.51 -7.44 14.50
C GLN E 3 -24.04 -6.08 13.98
N LEU E 4 -24.33 -5.80 12.71
CA LEU E 4 -23.99 -4.53 12.09
C LEU E 4 -25.21 -4.01 11.34
N GLN E 5 -25.64 -2.81 11.66
CA GLN E 5 -26.79 -2.17 11.05
C GLN E 5 -26.34 -0.92 10.32
N GLN E 6 -26.75 -0.79 9.06
CA GLN E 6 -26.36 0.34 8.22
C GLN E 6 -27.56 1.24 7.97
N SER E 7 -27.27 2.42 7.42
CA SER E 7 -28.31 3.38 7.10
C SER E 7 -29.00 2.99 5.79
N GLY E 8 -30.10 3.68 5.49
CA GLY E 8 -30.90 3.36 4.34
C GLY E 8 -30.28 3.85 3.05
N PRO E 9 -30.89 3.46 1.94
CA PRO E 9 -30.38 3.88 0.63
C PRO E 9 -30.53 5.39 0.44
N GLU E 10 -29.58 5.96 -0.29
CA GLU E 10 -29.50 7.41 -0.46
C GLU E 10 -29.47 7.78 -1.92
N LEU E 11 -30.20 8.85 -2.26
CA LEU E 11 -30.13 9.48 -3.58
C LEU E 11 -29.42 10.81 -3.43
N VAL E 12 -28.32 10.98 -4.15
CA VAL E 12 -27.45 12.15 -4.02
C VAL E 12 -27.31 12.82 -5.37
N LYS E 13 -27.37 14.16 -5.37
CA LYS E 13 -27.11 14.89 -6.60
C LYS E 13 -25.60 14.91 -6.89
N PRO E 14 -25.20 14.95 -8.16
CA PRO E 14 -23.78 14.93 -8.48
C PRO E 14 -23.09 16.18 -7.96
N GLY E 15 -22.01 15.97 -7.20
CA GLY E 15 -21.27 17.04 -6.57
C GLY E 15 -21.55 17.17 -5.08
N ALA E 16 -22.72 16.74 -4.63
CA ALA E 16 -23.06 16.82 -3.22
C ALA E 16 -22.28 15.77 -2.43
N SER E 17 -22.52 15.74 -1.13
CA SER E 17 -21.88 14.78 -0.24
C SER E 17 -22.93 13.92 0.44
N VAL E 18 -22.49 12.78 0.94
CA VAL E 18 -23.37 11.83 1.63
C VAL E 18 -22.64 11.25 2.82
N LYS E 19 -23.40 10.95 3.88
CA LYS E 19 -22.87 10.37 5.09
C LYS E 19 -23.73 9.17 5.47
N ILE E 20 -23.12 7.99 5.50
CA ILE E 20 -23.83 6.78 5.86
C ILE E 20 -23.24 6.24 7.17
N SER E 21 -24.10 5.57 7.94
CA SER E 21 -23.74 5.12 9.27
C SER E 21 -23.72 3.60 9.34
N CYS E 22 -22.97 3.09 10.32
CA CYS E 22 -22.82 1.66 10.56
C CYS E 22 -22.98 1.43 12.06
N LYS E 23 -24.19 1.04 12.47
CA LYS E 23 -24.48 0.79 13.88
C LYS E 23 -23.94 -0.58 14.29
N ALA E 24 -23.11 -0.60 15.32
CA ALA E 24 -22.53 -1.83 15.83
C ALA E 24 -23.20 -2.23 17.13
N SER E 25 -23.27 -3.54 17.38
CA SER E 25 -23.89 -4.05 18.58
C SER E 25 -23.40 -5.48 18.83
N GLY E 26 -23.29 -5.83 20.11
CA GLY E 26 -23.00 -7.19 20.51
C GLY E 26 -21.54 -7.53 20.73
N TYR E 27 -20.64 -6.54 20.67
CA TYR E 27 -19.21 -6.81 20.87
C TYR E 27 -18.52 -5.55 21.36
N SER E 28 -17.27 -5.71 21.78
CA SER E 28 -16.45 -4.58 22.21
C SER E 28 -16.18 -3.68 21.02
N PHE E 29 -16.83 -2.51 20.99
CA PHE E 29 -16.76 -1.65 19.80
C PHE E 29 -15.35 -1.15 19.55
N THR E 30 -14.64 -0.76 20.61
CA THR E 30 -13.31 -0.19 20.46
C THR E 30 -12.23 -1.24 20.28
N GLY E 31 -12.57 -2.51 20.23
CA GLY E 31 -11.61 -3.58 20.14
C GLY E 31 -11.37 -4.18 18.77
N TYR E 32 -12.06 -3.70 17.74
CA TYR E 32 -11.93 -4.28 16.40
C TYR E 32 -12.03 -3.18 15.35
N TYR E 33 -11.23 -3.31 14.30
CA TYR E 33 -11.29 -2.38 13.18
C TYR E 33 -12.64 -2.47 12.47
N MET E 34 -13.05 -1.36 11.86
CA MET E 34 -14.26 -1.31 11.05
C MET E 34 -13.85 -0.90 9.64
N HIS E 35 -13.99 -1.82 8.69
CA HIS E 35 -13.60 -1.58 7.31
C HIS E 35 -14.82 -1.25 6.47
N TRP E 36 -14.58 -0.58 5.34
CA TRP E 36 -15.62 -0.24 4.38
C TRP E 36 -15.21 -0.72 3.00
N VAL E 37 -16.18 -1.26 2.26
CA VAL E 37 -15.93 -1.88 0.97
C VAL E 37 -16.96 -1.34 -0.03
N LYS E 38 -16.48 -1.02 -1.23
CA LYS E 38 -17.33 -0.54 -2.31
C LYS E 38 -17.58 -1.65 -3.31
N GLN E 39 -18.84 -1.78 -3.73
CA GLN E 39 -19.24 -2.77 -4.73
C GLN E 39 -19.96 -2.03 -5.87
N SER E 40 -19.22 -1.70 -6.93
CA SER E 40 -19.81 -1.00 -8.06
C SER E 40 -20.81 -1.87 -8.80
N HIS E 41 -20.43 -3.11 -9.07
CA HIS E 41 -21.33 -4.10 -9.64
C HIS E 41 -20.87 -5.47 -9.17
N VAL E 42 -21.32 -6.52 -9.86
CA VAL E 42 -21.09 -7.87 -9.36
C VAL E 42 -19.62 -8.25 -9.41
N LYS E 43 -18.86 -7.69 -10.35
CA LYS E 43 -17.45 -8.04 -10.51
C LYS E 43 -16.49 -7.04 -9.88
N SER E 44 -16.98 -5.90 -9.38
CA SER E 44 -16.13 -4.86 -8.82
C SER E 44 -16.27 -4.85 -7.31
N LEU E 45 -15.20 -5.23 -6.62
CA LEU E 45 -15.15 -5.21 -5.15
C LEU E 45 -13.84 -4.58 -4.73
N GLU E 46 -13.91 -3.45 -4.04
CA GLU E 46 -12.72 -2.68 -3.67
C GLU E 46 -12.79 -2.25 -2.21
N TRP E 47 -11.63 -2.25 -1.56
CA TRP E 47 -11.51 -1.86 -0.16
C TRP E 47 -11.30 -0.34 -0.06
N ILE E 48 -12.12 0.31 0.76
CA ILE E 48 -12.04 1.76 0.92
C ILE E 48 -11.05 2.15 2.01
N GLY E 49 -11.19 1.56 3.19
CA GLY E 49 -10.31 1.89 4.29
C GLY E 49 -10.81 1.31 5.59
N ARG E 50 -10.06 1.60 6.64
CA ARG E 50 -10.39 1.12 7.98
C ARG E 50 -10.19 2.26 8.98
N ILE E 51 -10.79 2.08 10.16
CA ILE E 51 -10.71 3.06 11.24
C ILE E 51 -10.66 2.31 12.56
N ASP E 52 -9.79 2.78 13.46
CA ASP E 52 -9.69 2.22 14.80
C ASP E 52 -10.69 2.92 15.69
N PRO E 53 -11.77 2.27 16.14
CA PRO E 53 -12.78 2.97 16.94
C PRO E 53 -12.29 3.40 18.31
N TYR E 54 -11.17 2.87 18.78
CA TYR E 54 -10.67 3.24 20.11
C TYR E 54 -10.14 4.66 20.12
N ASP E 55 -9.22 4.99 19.21
CA ASP E 55 -8.59 6.29 19.17
C ASP E 55 -8.90 7.09 17.90
N GLY E 56 -9.59 6.50 16.92
CA GLY E 56 -9.90 7.19 15.70
C GLY E 56 -8.86 7.12 14.62
N ALA E 57 -7.89 6.21 14.72
CA ALA E 57 -6.85 6.07 13.70
C ALA E 57 -7.48 5.53 12.41
N THR E 58 -7.33 6.26 11.32
CA THR E 58 -7.93 5.91 10.05
C THR E 58 -6.85 5.58 9.02
N SER E 59 -7.01 4.45 8.34
CA SER E 59 -6.15 4.07 7.22
C SER E 59 -7.03 3.95 5.99
N TYR E 60 -6.69 4.71 4.94
CA TYR E 60 -7.49 4.76 3.73
C TYR E 60 -6.77 4.09 2.57
N ASN E 61 -7.55 3.68 1.59
CA ASN E 61 -7.00 3.27 0.31
C ASN E 61 -6.67 4.51 -0.51
N GLN E 62 -5.54 4.46 -1.24
CA GLN E 62 -5.05 5.64 -1.93
C GLN E 62 -6.03 6.14 -2.98
N ASN E 63 -6.88 5.26 -3.51
CA ASN E 63 -7.87 5.70 -4.48
C ASN E 63 -8.97 6.54 -3.85
N PHE E 64 -9.24 6.34 -2.56
CA PHE E 64 -10.32 7.02 -1.86
C PHE E 64 -9.81 8.04 -0.84
N LYS E 65 -8.62 8.61 -1.09
CA LYS E 65 -8.05 9.57 -0.15
C LYS E 65 -8.92 10.82 -0.05
N ASP E 66 -9.20 11.46 -1.19
CA ASP E 66 -10.00 12.67 -1.21
C ASP E 66 -11.49 12.41 -1.31
N LYS E 67 -11.90 11.15 -1.51
CA LYS E 67 -13.31 10.82 -1.68
C LYS E 67 -13.99 10.49 -0.36
N ALA E 68 -13.39 9.62 0.45
CA ALA E 68 -14.01 9.11 1.66
C ALA E 68 -13.27 9.59 2.90
N SER E 69 -14.02 9.71 3.99
CA SER E 69 -13.48 10.06 5.29
C SER E 69 -14.24 9.28 6.36
N LEU E 70 -13.49 8.58 7.22
CA LEU E 70 -14.07 7.70 8.22
C LEU E 70 -14.03 8.39 9.58
N THR E 71 -15.21 8.51 10.21
CA THR E 71 -15.33 9.02 11.57
C THR E 71 -16.01 7.97 12.44
N VAL E 72 -15.90 8.15 13.75
CA VAL E 72 -16.41 7.18 14.72
C VAL E 72 -17.11 7.92 15.85
N ASP E 73 -18.03 7.21 16.52
CA ASP E 73 -18.77 7.73 17.66
C ASP E 73 -18.77 6.66 18.75
N LYS E 74 -17.86 6.81 19.73
CA LYS E 74 -17.77 5.82 20.80
C LYS E 74 -19.02 5.79 21.67
N SER E 75 -19.72 6.91 21.78
CA SER E 75 -20.89 6.97 22.66
C SER E 75 -22.01 6.07 22.16
N SER E 76 -22.35 6.17 20.87
CA SER E 76 -23.40 5.36 20.28
C SER E 76 -22.88 4.11 19.59
N THR E 77 -21.56 3.87 19.63
CA THR E 77 -20.93 2.73 18.97
C THR E 77 -21.32 2.64 17.50
N THR E 78 -21.27 3.79 16.83
CA THR E 78 -21.68 3.91 15.43
C THR E 78 -20.52 4.47 14.61
N GLY E 79 -20.24 3.83 13.48
CA GLY E 79 -19.21 4.29 12.56
C GLY E 79 -19.84 4.97 11.35
N PHE E 80 -19.20 6.05 10.89
CA PHE E 80 -19.70 6.84 9.78
C PHE E 80 -18.67 6.87 8.65
N MET E 81 -19.18 6.96 7.42
CA MET E 81 -18.34 7.22 6.25
C MET E 81 -18.97 8.35 5.45
N GLU E 82 -18.19 9.38 5.17
CA GLU E 82 -18.64 10.51 4.37
C GLU E 82 -17.95 10.48 3.02
N LEU E 83 -18.73 10.71 1.96
CA LEU E 83 -18.24 10.72 0.59
C LEU E 83 -18.45 12.12 0.02
N HIS E 84 -17.41 12.67 -0.60
CA HIS E 84 -17.41 14.06 -1.05
C HIS E 84 -17.37 14.13 -2.57
N SER E 85 -18.12 15.07 -3.13
CA SER E 85 -18.12 15.39 -4.55
C SER E 85 -18.36 14.12 -5.40
N LEU E 86 -19.58 13.61 -5.28
CA LEU E 86 -19.94 12.35 -5.91
C LEU E 86 -20.16 12.54 -7.41
N THR E 87 -19.67 11.57 -8.18
CA THR E 87 -19.87 11.49 -9.63
C THR E 87 -20.64 10.22 -9.96
N SER E 88 -20.84 10.00 -11.26
CA SER E 88 -21.60 8.83 -11.70
C SER E 88 -20.90 7.53 -11.31
N GLU E 89 -19.57 7.50 -11.30
CA GLU E 89 -18.83 6.30 -10.95
C GLU E 89 -18.91 5.97 -9.46
N ASP E 90 -19.50 6.84 -8.65
CA ASP E 90 -19.65 6.58 -7.23
C ASP E 90 -20.92 5.82 -6.88
N SER E 91 -21.83 5.65 -7.84
CA SER E 91 -23.02 4.84 -7.62
C SER E 91 -22.62 3.39 -7.40
N ALA E 92 -22.90 2.88 -6.20
CA ALA E 92 -22.47 1.53 -5.81
C ALA E 92 -23.19 1.15 -4.53
N VAL E 93 -22.87 -0.03 -4.02
CA VAL E 93 -23.31 -0.49 -2.71
C VAL E 93 -22.10 -0.47 -1.79
N TYR E 94 -22.28 0.07 -0.59
CA TYR E 94 -21.20 0.25 0.37
C TYR E 94 -21.47 -0.61 1.61
N TYR E 95 -20.54 -1.49 1.93
CA TYR E 95 -20.62 -2.35 3.09
C TYR E 95 -19.66 -1.87 4.17
N CYS E 96 -20.05 -2.03 5.43
CA CYS E 96 -19.14 -1.93 6.56
C CYS E 96 -18.95 -3.32 7.15
N ALA E 97 -17.73 -3.61 7.57
CA ALA E 97 -17.40 -4.93 8.07
C ALA E 97 -16.44 -4.82 9.24
N ARG E 98 -16.51 -5.80 10.13
CA ARG E 98 -15.64 -5.88 11.29
C ARG E 98 -14.56 -6.92 11.04
N GLU E 99 -13.33 -6.59 11.41
CA GLU E 99 -12.22 -7.55 11.33
C GLU E 99 -12.15 -8.28 12.66
N GLY E 100 -12.78 -9.45 12.72
CA GLY E 100 -12.88 -10.20 13.96
C GLY E 100 -11.71 -11.14 14.18
N HIS E 101 -11.74 -11.79 15.33
CA HIS E 101 -10.67 -12.67 15.78
C HIS E 101 -11.19 -14.08 15.95
N TRP E 102 -10.43 -15.06 15.46
CA TRP E 102 -10.75 -16.47 15.65
C TRP E 102 -9.50 -17.30 15.40
N ASP E 103 -9.26 -18.26 16.29
CA ASP E 103 -8.11 -19.17 16.19
C ASP E 103 -6.80 -18.40 16.07
N GLY E 104 -6.70 -17.31 16.82
CA GLY E 104 -5.50 -16.49 16.79
C GLY E 104 -5.22 -15.83 15.45
N ASP E 105 -6.26 -15.60 14.65
CA ASP E 105 -6.11 -14.97 13.35
C ASP E 105 -7.26 -14.00 13.12
N TRP E 106 -7.04 -13.05 12.23
CA TRP E 106 -7.99 -11.97 11.98
C TRP E 106 -8.57 -12.08 10.57
N TYR E 107 -9.87 -11.84 10.47
CA TYR E 107 -10.56 -11.83 9.19
C TYR E 107 -11.90 -11.11 9.37
N PHE E 108 -12.55 -10.83 8.25
CA PHE E 108 -13.84 -10.13 8.26
C PHE E 108 -14.93 -11.15 8.54
N ASP E 109 -15.38 -11.21 9.79
CA ASP E 109 -16.39 -12.18 10.21
C ASP E 109 -17.79 -11.61 10.31
N VAL E 110 -17.94 -10.29 10.34
CA VAL E 110 -19.24 -9.64 10.44
C VAL E 110 -19.33 -8.59 9.34
N TRP E 111 -20.40 -8.65 8.55
CA TRP E 111 -20.64 -7.72 7.46
C TRP E 111 -21.99 -7.03 7.65
N GLY E 112 -22.04 -5.75 7.32
CA GLY E 112 -23.30 -5.04 7.26
C GLY E 112 -24.11 -5.44 6.04
N ALA E 113 -25.38 -5.08 6.05
CA ALA E 113 -26.26 -5.43 4.93
C ALA E 113 -25.91 -4.65 3.67
N GLY E 114 -25.33 -3.48 3.81
CA GLY E 114 -24.96 -2.70 2.64
C GLY E 114 -25.92 -1.55 2.43
N THR E 115 -25.37 -0.44 1.96
CA THR E 115 -26.13 0.77 1.66
C THR E 115 -26.00 1.10 0.18
N THR E 116 -27.14 1.26 -0.48
CA THR E 116 -27.17 1.60 -1.90
C THR E 116 -27.10 3.11 -2.07
N VAL E 117 -26.11 3.60 -2.81
CA VAL E 117 -25.92 5.02 -3.06
C VAL E 117 -26.08 5.27 -4.55
N THR E 118 -27.09 6.04 -4.91
CA THR E 118 -27.34 6.41 -6.31
C THR E 118 -27.02 7.89 -6.49
N VAL E 119 -26.13 8.17 -7.43
CA VAL E 119 -25.72 9.54 -7.74
C VAL E 119 -26.40 9.93 -9.05
N SER E 120 -27.37 10.85 -8.96
CA SER E 120 -28.11 11.27 -10.14
C SER E 120 -28.69 12.65 -9.91
N SER E 121 -28.82 13.42 -10.99
CA SER E 121 -29.47 14.72 -10.90
C SER E 121 -30.99 14.60 -10.87
N ALA E 122 -31.54 13.48 -11.33
CA ALA E 122 -32.98 13.25 -11.20
C ALA E 122 -33.35 13.09 -9.74
N SER E 123 -34.60 13.42 -9.43
CA SER E 123 -35.13 13.36 -8.08
C SER E 123 -35.92 12.07 -7.85
N THR E 124 -36.12 11.76 -6.57
CA THR E 124 -36.85 10.56 -6.21
C THR E 124 -38.32 10.66 -6.60
N LYS E 125 -38.92 9.51 -6.92
CA LYS E 125 -40.33 9.42 -7.26
C LYS E 125 -40.92 8.21 -6.57
N GLY E 126 -42.06 8.40 -5.91
CA GLY E 126 -42.73 7.34 -5.20
C GLY E 126 -43.36 6.33 -6.14
N PRO E 127 -43.41 5.07 -5.70
CA PRO E 127 -43.97 4.01 -6.54
C PRO E 127 -45.49 3.92 -6.43
N SER E 128 -46.06 3.20 -7.39
CA SER E 128 -47.48 2.87 -7.40
CA SER E 128 -47.48 2.87 -7.40
C SER E 128 -47.62 1.36 -7.34
N VAL E 129 -48.43 0.88 -6.39
CA VAL E 129 -48.56 -0.54 -6.12
C VAL E 129 -49.94 -1.01 -6.59
N PHE E 130 -49.95 -2.01 -7.48
CA PHE E 130 -51.17 -2.62 -7.97
C PHE E 130 -51.18 -4.10 -7.64
N PRO E 131 -52.32 -4.65 -7.21
CA PRO E 131 -52.36 -6.07 -6.84
C PRO E 131 -52.46 -6.98 -8.05
N LEU E 132 -51.66 -8.05 -8.03
CA LEU E 132 -51.76 -9.13 -9.01
C LEU E 132 -52.66 -10.20 -8.40
N ALA E 133 -53.97 -10.02 -8.58
CA ALA E 133 -54.95 -10.86 -7.90
C ALA E 133 -54.96 -12.26 -8.50
N PRO E 134 -55.07 -13.30 -7.68
CA PRO E 134 -55.17 -14.66 -8.20
C PRO E 134 -56.55 -14.92 -8.81
N SER E 135 -56.59 -15.90 -9.71
CA SER E 135 -57.82 -16.29 -10.39
C SER E 135 -57.60 -17.69 -10.95
N SER E 136 -58.58 -18.16 -11.75
CA SER E 136 -58.42 -19.43 -12.42
C SER E 136 -57.24 -19.41 -13.39
N LYS E 137 -56.89 -18.23 -13.90
CA LYS E 137 -55.77 -18.09 -14.83
C LYS E 137 -54.41 -18.16 -14.14
N SER E 138 -54.36 -18.17 -12.81
CA SER E 138 -53.12 -18.24 -12.06
C SER E 138 -53.11 -19.43 -11.12
N THR E 139 -53.68 -20.55 -11.55
CA THR E 139 -53.73 -21.77 -10.75
C THR E 139 -52.98 -22.88 -11.47
N SER E 140 -52.26 -23.70 -10.71
CA SER E 140 -51.48 -24.80 -11.28
C SER E 140 -51.30 -25.86 -10.20
N GLY E 141 -52.08 -26.94 -10.29
CA GLY E 141 -51.92 -28.06 -9.39
C GLY E 141 -52.30 -27.77 -7.95
N GLY E 142 -53.45 -27.13 -7.76
CA GLY E 142 -53.92 -26.79 -6.43
C GLY E 142 -53.19 -25.65 -5.76
N THR E 143 -52.16 -25.09 -6.41
CA THR E 143 -51.45 -23.93 -5.90
C THR E 143 -51.84 -22.70 -6.70
N ALA E 144 -51.92 -21.56 -6.03
CA ALA E 144 -52.28 -20.31 -6.67
C ALA E 144 -51.12 -19.33 -6.60
N ALA E 145 -51.09 -18.40 -7.54
CA ALA E 145 -50.08 -17.36 -7.59
C ALA E 145 -50.74 -16.01 -7.40
N LEU E 146 -50.13 -15.17 -6.58
CA LEU E 146 -50.58 -13.79 -6.40
C LEU E 146 -49.35 -12.92 -6.18
N GLY E 147 -49.53 -11.61 -6.28
CA GLY E 147 -48.40 -10.73 -6.12
C GLY E 147 -48.79 -9.27 -6.20
N CYS E 148 -47.76 -8.43 -6.20
CA CYS E 148 -47.91 -6.98 -6.24
C CYS E 148 -47.00 -6.40 -7.30
N LEU E 149 -47.54 -5.50 -8.12
CA LEU E 149 -46.80 -4.79 -9.15
C LEU E 149 -46.39 -3.43 -8.62
N VAL E 150 -45.08 -3.21 -8.50
CA VAL E 150 -44.52 -1.94 -8.05
C VAL E 150 -43.97 -1.23 -9.29
N LYS E 151 -44.58 -0.10 -9.64
CA LYS E 151 -44.33 0.53 -10.93
C LYS E 151 -43.99 2.01 -10.76
N ASP E 152 -43.09 2.49 -11.62
CA ASP E 152 -42.79 3.93 -11.77
C ASP E 152 -42.21 4.53 -10.48
N TYR E 153 -41.05 4.01 -10.08
CA TYR E 153 -40.33 4.54 -8.93
C TYR E 153 -38.88 4.82 -9.32
N PHE E 154 -38.24 5.71 -8.53
CA PHE E 154 -36.85 6.06 -8.73
C PHE E 154 -36.32 6.65 -7.44
N PRO E 155 -35.13 6.26 -6.97
CA PRO E 155 -34.29 5.22 -7.57
C PRO E 155 -34.48 3.87 -6.91
N GLU E 156 -33.56 2.95 -7.17
CA GLU E 156 -33.50 1.68 -6.49
C GLU E 156 -32.80 1.85 -5.14
N PRO E 157 -33.04 0.93 -4.18
CA PRO E 157 -33.95 -0.22 -4.26
C PRO E 157 -35.31 0.01 -3.60
N VAL E 158 -36.24 -0.89 -3.88
CA VAL E 158 -37.52 -0.95 -3.20
C VAL E 158 -37.55 -2.21 -2.36
N THR E 159 -38.06 -2.10 -1.14
CA THR E 159 -38.14 -3.23 -0.22
C THR E 159 -39.56 -3.75 -0.23
N VAL E 160 -39.71 -5.03 -0.58
CA VAL E 160 -41.01 -5.70 -0.60
C VAL E 160 -40.97 -6.86 0.38
N SER E 161 -41.94 -6.90 1.29
CA SER E 161 -42.13 -8.02 2.18
C SER E 161 -43.60 -8.42 2.16
N TRP E 162 -43.88 -9.64 2.61
CA TRP E 162 -45.24 -10.16 2.63
C TRP E 162 -45.62 -10.48 4.07
N ASN E 163 -46.77 -9.94 4.50
CA ASN E 163 -47.29 -10.14 5.84
C ASN E 163 -46.26 -9.73 6.89
N SER E 164 -45.69 -8.54 6.70
CA SER E 164 -44.72 -7.94 7.61
C SER E 164 -43.51 -8.85 7.84
N GLY E 165 -43.15 -9.63 6.83
CA GLY E 165 -42.01 -10.51 6.91
C GLY E 165 -42.31 -11.93 7.37
N ALA E 166 -43.55 -12.24 7.72
CA ALA E 166 -43.87 -13.57 8.19
C ALA E 166 -43.95 -14.58 7.05
N LEU E 167 -44.28 -14.12 5.84
CA LEU E 167 -44.40 -14.98 4.67
C LEU E 167 -43.16 -14.80 3.81
N THR E 168 -42.32 -15.83 3.78
CA THR E 168 -41.08 -15.80 3.01
C THR E 168 -40.93 -16.97 2.06
N SER E 169 -41.40 -18.16 2.44
CA SER E 169 -41.28 -19.32 1.58
C SER E 169 -42.12 -19.14 0.32
N GLY E 170 -41.53 -19.49 -0.83
CA GLY E 170 -42.23 -19.39 -2.09
C GLY E 170 -42.36 -17.98 -2.63
N VAL E 171 -41.66 -17.01 -2.05
CA VAL E 171 -41.73 -15.63 -2.50
C VAL E 171 -40.62 -15.37 -3.50
N HIS E 172 -40.98 -14.79 -4.64
CA HIS E 172 -40.02 -14.42 -5.68
C HIS E 172 -40.20 -12.94 -5.98
N THR E 173 -39.22 -12.13 -5.60
CA THR E 173 -39.20 -10.71 -5.94
C THR E 173 -38.23 -10.52 -7.10
N PHE E 174 -38.75 -10.03 -8.22
CA PHE E 174 -37.96 -9.97 -9.44
C PHE E 174 -37.04 -8.75 -9.44
N PRO E 175 -35.87 -8.87 -10.05
CA PRO E 175 -35.04 -7.69 -10.29
C PRO E 175 -35.82 -6.66 -11.10
N ALA E 176 -35.64 -5.39 -10.75
CA ALA E 176 -36.37 -4.32 -11.40
C ALA E 176 -35.92 -4.16 -12.85
N VAL E 177 -36.83 -3.65 -13.68
CA VAL E 177 -36.54 -3.35 -15.08
C VAL E 177 -36.60 -1.84 -15.27
N LEU E 178 -35.77 -1.36 -16.17
CA LEU E 178 -35.72 0.06 -16.51
C LEU E 178 -36.72 0.32 -17.63
N GLN E 179 -37.66 1.23 -17.39
CA GLN E 179 -38.65 1.58 -18.39
C GLN E 179 -38.14 2.72 -19.26
N SER E 180 -38.80 2.90 -20.42
CA SER E 180 -38.42 3.96 -21.34
C SER E 180 -38.53 5.33 -20.71
N SER E 181 -39.37 5.48 -19.68
CA SER E 181 -39.50 6.72 -18.94
C SER E 181 -38.38 6.94 -17.94
N GLY E 182 -37.42 6.03 -17.85
CA GLY E 182 -36.35 6.13 -16.88
C GLY E 182 -36.72 5.70 -15.48
N LEU E 183 -37.96 5.29 -15.25
CA LEU E 183 -38.41 4.82 -13.95
C LEU E 183 -38.33 3.30 -13.88
N TYR E 184 -38.05 2.78 -12.69
CA TYR E 184 -37.95 1.35 -12.48
C TYR E 184 -39.31 0.73 -12.20
N SER E 185 -39.41 -0.57 -12.42
CA SER E 185 -40.61 -1.33 -12.13
C SER E 185 -40.23 -2.77 -11.83
N LEU E 186 -40.92 -3.38 -10.88
CA LEU E 186 -40.71 -4.79 -10.57
C LEU E 186 -42.01 -5.39 -10.05
N SER E 187 -41.98 -6.70 -9.86
CA SER E 187 -43.12 -7.45 -9.36
CA SER E 187 -43.12 -7.44 -9.35
C SER E 187 -42.65 -8.47 -8.35
N SER E 188 -43.40 -8.62 -7.26
CA SER E 188 -43.14 -9.63 -6.25
C SER E 188 -44.30 -10.61 -6.24
N VAL E 189 -44.00 -11.90 -6.31
CA VAL E 189 -45.01 -12.94 -6.42
C VAL E 189 -44.74 -14.02 -5.38
N VAL E 190 -45.80 -14.72 -5.00
CA VAL E 190 -45.72 -15.82 -4.05
C VAL E 190 -46.69 -16.91 -4.49
N THR E 191 -46.29 -18.17 -4.31
CA THR E 191 -47.15 -19.31 -4.56
C THR E 191 -47.72 -19.81 -3.24
N VAL E 192 -49.04 -19.90 -3.16
CA VAL E 192 -49.73 -20.34 -1.95
C VAL E 192 -50.71 -21.43 -2.32
N PRO E 193 -51.18 -22.22 -1.34
CA PRO E 193 -52.25 -23.17 -1.63
C PRO E 193 -53.52 -22.44 -2.04
N SER E 194 -54.13 -22.92 -3.14
CA SER E 194 -55.35 -22.29 -3.63
C SER E 194 -56.50 -22.48 -2.65
N SER E 195 -56.48 -23.57 -1.87
CA SER E 195 -57.51 -23.79 -0.87
C SER E 195 -57.45 -22.78 0.27
N SER E 196 -56.29 -22.17 0.51
CA SER E 196 -56.10 -21.23 1.60
C SER E 196 -56.38 -19.79 1.19
N LEU E 197 -57.02 -19.56 0.04
CA LEU E 197 -57.34 -18.20 -0.37
C LEU E 197 -58.49 -17.62 0.43
N GLY E 198 -59.36 -18.46 0.99
CA GLY E 198 -60.47 -17.95 1.78
C GLY E 198 -60.12 -17.65 3.22
N THR E 199 -59.16 -18.37 3.78
CA THR E 199 -58.78 -18.20 5.18
C THR E 199 -57.58 -17.27 5.37
N GLN E 200 -56.54 -17.43 4.57
CA GLN E 200 -55.33 -16.65 4.76
C GLN E 200 -55.47 -15.27 4.14
N THR E 201 -54.78 -14.30 4.74
CA THR E 201 -54.73 -12.94 4.26
C THR E 201 -53.31 -12.64 3.78
N TYR E 202 -53.20 -12.15 2.54
CA TYR E 202 -51.90 -11.90 1.93
C TYR E 202 -51.77 -10.41 1.65
N ILE E 203 -50.86 -9.76 2.36
CA ILE E 203 -50.62 -8.32 2.24
C ILE E 203 -49.15 -8.11 1.90
N CYS E 204 -48.90 -7.38 0.82
CA CYS E 204 -47.54 -7.03 0.44
C CYS E 204 -47.18 -5.66 1.01
N ASN E 205 -45.96 -5.56 1.54
CA ASN E 205 -45.49 -4.34 2.19
C ASN E 205 -44.38 -3.75 1.34
N VAL E 206 -44.67 -2.63 0.69
CA VAL E 206 -43.71 -1.96 -0.19
C VAL E 206 -43.16 -0.75 0.56
N ASN E 207 -41.84 -0.69 0.69
CA ASN E 207 -41.17 0.40 1.37
C ASN E 207 -40.09 0.95 0.45
N HIS E 208 -40.28 2.18 -0.03
CA HIS E 208 -39.32 2.86 -0.88
C HIS E 208 -38.72 4.00 -0.03
N LYS E 209 -37.59 3.70 0.60
CA LYS E 209 -37.00 4.64 1.54
C LYS E 209 -36.54 5.95 0.90
N PRO E 210 -35.94 5.99 -0.30
CA PRO E 210 -35.53 7.28 -0.86
C PRO E 210 -36.67 8.28 -1.02
N SER E 211 -37.90 7.81 -1.16
CA SER E 211 -39.06 8.69 -1.26
C SER E 211 -39.91 8.67 0.01
N ASN E 212 -39.55 7.87 1.01
CA ASN E 212 -40.31 7.71 2.25
C ASN E 212 -41.76 7.33 1.94
N THR E 213 -41.91 6.24 1.20
CA THR E 213 -43.22 5.76 0.75
C THR E 213 -43.40 4.32 1.24
N LYS E 214 -44.26 4.14 2.23
CA LYS E 214 -44.66 2.81 2.69
C LYS E 214 -46.11 2.57 2.29
N VAL E 215 -46.36 1.45 1.62
CA VAL E 215 -47.67 1.10 1.11
C VAL E 215 -47.96 -0.35 1.46
N ASP E 216 -49.17 -0.61 1.96
CA ASP E 216 -49.64 -1.96 2.24
C ASP E 216 -50.84 -2.25 1.36
N LYS E 217 -50.82 -3.38 0.67
CA LYS E 217 -51.86 -3.77 -0.27
C LYS E 217 -52.34 -5.17 0.06
N LYS E 218 -53.63 -5.33 0.30
CA LYS E 218 -54.24 -6.63 0.47
C LYS E 218 -54.62 -7.19 -0.89
N VAL E 219 -54.13 -8.39 -1.21
CA VAL E 219 -54.32 -9.00 -2.51
C VAL E 219 -55.42 -10.05 -2.35
N GLU E 220 -56.64 -9.69 -2.75
CA GLU E 220 -57.74 -10.64 -2.66
C GLU E 220 -58.09 -11.21 -4.03
N PRO E 221 -58.60 -12.44 -4.10
CA PRO E 221 -58.97 -13.00 -5.40
C PRO E 221 -60.23 -12.34 -5.96
N LYS E 222 -60.38 -12.45 -7.27
CA LYS E 222 -61.59 -11.97 -7.93
C LYS E 222 -62.00 -12.89 -9.07
N ARG F 3 -6.57 -3.92 22.30
CA ARG F 3 -6.42 -3.11 21.10
C ARG F 3 -6.69 -3.93 19.85
N ALA F 4 -7.09 -3.24 18.79
CA ALA F 4 -7.48 -3.92 17.55
C ALA F 4 -6.26 -4.20 16.68
N ALA F 5 -6.27 -5.38 16.05
CA ALA F 5 -5.26 -5.78 15.08
C ALA F 5 -5.98 -6.36 13.86
N GLY F 6 -5.21 -6.62 12.82
CA GLY F 6 -5.81 -7.16 11.61
C GLY F 6 -4.77 -7.58 10.60
N GLN F 7 -5.24 -7.85 9.39
CA GLN F 7 -4.36 -8.28 8.32
C GLN F 7 -3.46 -7.13 7.87
N PRO F 8 -2.22 -7.43 7.45
CA PRO F 8 -1.26 -6.36 7.15
C PRO F 8 -1.69 -5.42 6.05
N ALA F 9 -2.59 -5.83 5.15
CA ALA F 9 -2.98 -4.97 4.04
C ALA F 9 -3.76 -3.73 4.47
N GLY F 10 -4.15 -3.64 5.74
CA GLY F 10 -4.89 -2.47 6.19
C GLY F 10 -4.04 -1.23 6.31
N ASP F 11 -2.74 -1.39 6.58
CA ASP F 11 -1.83 -0.26 6.72
C ASP F 11 -0.51 -0.60 6.05
N ARG F 12 0.04 0.38 5.32
CA ARG F 12 1.32 0.21 4.64
C ARG F 12 2.46 0.00 5.63
#